data_8ZSP
#
_entry.id   8ZSP
#
_cell.length_a   1.00
_cell.length_b   1.00
_cell.length_c   1.00
_cell.angle_alpha   90.00
_cell.angle_beta   90.00
_cell.angle_gamma   90.00
#
_symmetry.space_group_name_H-M   'P 1'
#
loop_
_entity.id
_entity.type
_entity.pdbx_description
1 polymer 'Guanine nucleotide-binding protein G(s) subunit alpha isoforms short'
2 polymer 'Guanine nucleotide-binding protein G(I)/G(S)/G(T) subunit beta-1'
3 polymer 'Guanine nucleotide-binding protein G(I)/G(S)/G(O) subunit gamma-2'
4 polymer Nb35
5 polymer 'Soluble cytochrome b562,Trace amine-associated receptor 1'
6 non-polymer (8alpha)-N,N-diethyl-6-methyl-9,10-didehydroergoline-8-carboxamide
#
loop_
_entity_poly.entity_id
_entity_poly.type
_entity_poly.pdbx_seq_one_letter_code
_entity_poly.pdbx_strand_id
1 'polypeptide(L)'
;MGSTVSAEDKAAAERSKMIDKNLREDGEKAAAATHRLLLLGADNSGKSTIVKQMRIYHGGSGGSGVNSGIFETKFQVDKV
NFHMFDVGAQRDERRKWIQCFNDVTAIIFVVDSSDYNRLQEALNDFKSIWNNRWLRTISVILFLNKQDLLAEKVLAGKSK
IEDYFPEFARYTTPEDATPEPGEDPRVTRAKYFIRDEFLRISTASGDGRHYCYPHFTCSVDTENARRIFNDCRDIIQRMH
LRQYELL
;
A
2 'polypeptide(L)'
;MGSLLQSELDQLRQEAEQLKNQIRDARKACADATLSQITNNIDPVGRIQMRTRRTLRGHLAKIYAMHWGTDSRLLVSASQ
DGKLIIWDSYTTNKVHAIPLRSSWVMTCAYAPSGNYVACGGLDNICSIYNLKTREGNVRVSRELAGHTGYLSCCRFLDDN
QIVTSSGDTTCALWDIETGQQTTTFTGHTGDVMSLSLAPDTRLFVSGACDASAKLWDVREGMCRQTFTGHESDINAICFF
PNGNAFATGSDDATCRLFDLRADQELMTYSHDNIICGITSVSFSKSGRLLLAGYDDFNCNVWDALKADRAGVLAGHDNRV
SCLGVTDDGMAVATGSWDSFLKIWN
;
B
3 'polypeptide(L)' MASNNTASIAQARKLVEQLKMEANIDRIKVSKAAADLMAYCEAHAKEDPLLTPVPASENPFREKKFFCAIL G
4 'polypeptide(L)'
;MQVQLQESGGGLVQPGGSLRLSCAASGFTFSNYKMNWVRQAPGKGLEWVSDISQSGASISYTGSVKGRFTISRDNAKNTL
YLQMNSLKPEDTAVYYCARCPAPFTRDCFDVTSTTYAYRGQGTQVTVSSHHHHHHEPEA
;
N
5 'polypeptide(L)'
;MKTIIALSYIFCLVFADYKDDDDKHHHHHHHHHHLEVLFQGPADLEDNWETLNDNLKVIEKADNAAQVKDALTKMRAAAL
DAQKATPPKLEDKSPDSPEMKDFRHGFDILVGQIDDALKLANEGKVKEAQAAAEQLKTTRNAYIQKYLMGQPGNGSAMPF
CHNIINISCVKNNWSNDVRASLYSLMVLIILTTLVGNLIVIVSISHFKQLHTPTNWLIHSMATVDFLLGCLVMPYSMVRS
AEHCWYFGEVFCKIHTSTDIMLSSASIFHLSFISIDRYYAVCDPLRYKAKMNILVICVMIFISWSVPAVFAFGMIFLELN
FKGAEEIYYKHVHCRGGCSVFFSKISGVLTFMTSFYIPGSIMLCVYYRIYLIAKEQARLISDANQKLQIGLEMKNGISQS
KERKAVKTLGIVMGVFLICWCPFFICTVMDPFLHYIIPPTLNDVLIWFGYLNSTFNPMVYAFFYPWFRKALKMMLFGKIF
QKDSSRCKLFLELSS
;
R
#
loop_
_chem_comp.id
_chem_comp.type
_chem_comp.name
_chem_comp.formula
7LD non-polymer (8alpha)-N,N-diethyl-6-methyl-9,10-didehydroergoline-8-carboxamide 'C20 H25 N3 O'
#
# COMPACT_ATOMS: atom_id res chain seq x y z
N VAL A 5 -26.44 -13.52 28.91
CA VAL A 5 -25.20 -12.81 29.16
C VAL A 5 -24.72 -13.06 30.58
N SER A 6 -23.70 -12.31 31.00
CA SER A 6 -23.14 -12.45 32.34
C SER A 6 -22.43 -11.14 32.69
N ALA A 7 -22.06 -11.03 33.97
CA ALA A 7 -21.32 -9.86 34.43
C ALA A 7 -19.97 -9.76 33.73
N GLU A 8 -19.27 -10.88 33.60
CA GLU A 8 -17.98 -10.88 32.91
C GLU A 8 -18.16 -10.50 31.44
N ASP A 9 -19.21 -11.00 30.80
CA ASP A 9 -19.46 -10.66 29.40
C ASP A 9 -19.76 -9.17 29.24
N LYS A 10 -20.57 -8.62 30.14
CA LYS A 10 -20.87 -7.18 30.07
C LYS A 10 -19.63 -6.35 30.31
N ALA A 11 -18.79 -6.75 31.27
CA ALA A 11 -17.54 -6.02 31.51
C ALA A 11 -16.63 -6.10 30.29
N ALA A 12 -16.57 -7.27 29.63
CA ALA A 12 -15.77 -7.39 28.42
C ALA A 12 -16.30 -6.50 27.31
N ALA A 13 -17.61 -6.43 27.15
CA ALA A 13 -18.20 -5.56 26.13
C ALA A 13 -17.90 -4.10 26.42
N GLU A 14 -18.02 -3.68 27.68
CA GLU A 14 -17.72 -2.30 28.05
C GLU A 14 -16.25 -1.99 27.81
N ARG A 15 -15.36 -2.92 28.16
CA ARG A 15 -13.94 -2.74 27.91
C ARG A 15 -13.67 -2.60 26.42
N SER A 16 -14.31 -3.44 25.59
CA SER A 16 -14.11 -3.35 24.15
C SER A 16 -14.58 -2.02 23.62
N LYS A 17 -15.75 -1.54 24.08
CA LYS A 17 -16.25 -0.25 23.62
C LYS A 17 -15.31 0.89 24.03
N MET A 18 -14.81 0.86 25.27
CA MET A 18 -13.89 1.89 25.72
C MET A 18 -12.60 1.88 24.91
N ILE A 19 -12.05 0.69 24.66
CA ILE A 19 -10.83 0.59 23.87
C ILE A 19 -11.06 1.10 22.46
N ASP A 20 -12.19 0.72 21.85
CA ASP A 20 -12.48 1.17 20.48
C ASP A 20 -12.60 2.69 20.41
N LYS A 21 -13.33 3.29 21.36
CA LYS A 21 -13.48 4.74 21.33
C LYS A 21 -12.15 5.44 21.59
N ASN A 22 -11.33 4.90 22.49
CA ASN A 22 -10.03 5.51 22.74
C ASN A 22 -9.14 5.43 21.50
N LEU A 23 -9.13 4.28 20.83
CA LEU A 23 -8.33 4.12 19.62
C LEU A 23 -8.79 5.08 18.53
N ARG A 24 -10.11 5.18 18.33
CA ARG A 24 -10.64 6.07 17.30
C ARG A 24 -10.29 7.52 17.60
N GLU A 25 -10.47 7.94 18.85
CA GLU A 25 -10.17 9.32 19.21
C GLU A 25 -8.69 9.63 19.04
N ASP A 26 -7.82 8.71 19.49
CA ASP A 26 -6.38 8.93 19.37
C ASP A 26 -5.96 8.97 17.90
N GLY A 27 -6.54 8.11 17.08
CA GLY A 27 -6.20 8.10 15.66
C GLY A 27 -6.60 9.39 14.95
N GLU A 28 -7.83 9.86 15.19
CA GLU A 28 -8.23 11.11 14.56
C GLU A 28 -7.49 12.30 15.15
N LYS A 29 -7.03 12.20 16.40
CA LYS A 29 -6.27 13.29 16.98
C LYS A 29 -4.86 13.37 16.39
N ALA A 30 -4.20 12.22 16.23
CA ALA A 30 -2.81 12.20 15.77
C ALA A 30 -2.68 12.06 14.26
N ALA A 31 -3.79 11.95 13.53
CA ALA A 31 -3.74 11.82 12.09
C ALA A 31 -4.27 13.04 11.34
N ALA A 32 -4.83 14.01 12.05
CA ALA A 32 -5.38 15.20 11.39
C ALA A 32 -4.29 16.25 11.20
N ALA A 33 -4.14 16.71 9.96
CA ALA A 33 -3.13 17.71 9.60
C ALA A 33 -1.73 17.29 10.02
N THR A 34 -1.43 16.00 9.85
CA THR A 34 -0.11 15.45 10.15
C THR A 34 0.28 14.53 9.00
N HIS A 35 1.30 14.93 8.25
CA HIS A 35 1.78 14.19 7.09
C HIS A 35 3.14 13.59 7.38
N ARG A 36 3.36 12.36 6.95
CA ARG A 36 4.60 11.65 7.19
C ARG A 36 5.43 11.60 5.91
N LEU A 37 6.75 11.74 6.06
CA LEU A 37 7.68 11.77 4.94
C LEU A 37 8.83 10.81 5.20
N LEU A 38 9.43 10.33 4.12
CA LEU A 38 10.59 9.45 4.19
C LEU A 38 11.80 10.21 3.66
N LEU A 39 12.69 10.60 4.56
CA LEU A 39 13.92 11.32 4.20
C LEU A 39 14.97 10.30 3.79
N LEU A 40 15.26 10.22 2.51
CA LEU A 40 16.15 9.20 1.97
C LEU A 40 17.28 9.85 1.18
N GLY A 41 18.44 9.23 1.20
CA GLY A 41 19.57 9.77 0.48
C GLY A 41 20.83 9.01 0.79
N ALA A 42 21.97 9.67 0.57
CA ALA A 42 23.28 9.10 0.81
C ALA A 42 23.99 9.86 1.92
N ASP A 43 25.10 9.28 2.40
CA ASP A 43 25.85 9.91 3.48
C ASP A 43 26.46 11.23 3.05
N ASN A 44 26.87 11.35 1.78
CA ASN A 44 27.52 12.56 1.31
C ASN A 44 26.51 13.65 1.13
N SER A 45 25.29 13.26 0.83
CA SER A 45 24.21 14.23 0.70
C SER A 45 23.89 14.85 2.05
N GLY A 46 23.40 16.10 2.02
CA GLY A 46 23.06 16.80 3.25
C GLY A 46 21.64 16.55 3.71
N LYS A 47 21.23 15.28 3.76
CA LYS A 47 19.87 14.98 4.20
C LYS A 47 19.66 15.34 5.66
N SER A 48 20.71 15.29 6.47
CA SER A 48 20.62 15.71 7.85
C SER A 48 20.49 17.22 8.01
N THR A 49 20.73 17.99 6.95
CA THR A 49 20.65 19.44 7.00
C THR A 49 19.72 20.02 5.95
N ILE A 50 18.89 19.19 5.31
CA ILE A 50 17.92 19.70 4.31
C ILE A 50 17.03 20.76 4.94
N VAL A 51 16.23 20.36 5.94
CA VAL A 51 15.27 21.32 6.56
C VAL A 51 16.02 22.19 7.57
N LYS A 52 15.83 23.51 7.50
CA LYS A 52 16.46 24.43 8.49
C LYS A 52 15.88 24.13 9.87
N GLN A 53 14.55 23.96 9.95
CA GLN A 53 13.88 23.64 11.24
C GLN A 53 14.40 24.61 12.31
N MET A 54 14.38 25.92 12.01
CA MET A 54 14.88 26.94 12.97
C MET A 54 16.17 26.43 13.63
N SER A 68 17.50 5.25 17.93
CA SER A 68 18.72 4.47 17.81
C SER A 68 18.66 3.48 16.65
N GLY A 69 17.53 3.38 15.95
CA GLY A 69 17.42 2.54 14.77
C GLY A 69 16.75 3.29 13.64
N ILE A 70 16.21 4.46 13.96
CA ILE A 70 15.56 5.34 13.00
C ILE A 70 15.52 6.75 13.58
N PHE A 71 15.87 7.74 12.78
CA PHE A 71 15.81 9.13 13.23
C PHE A 71 14.38 9.65 13.12
N GLU A 72 14.17 10.87 13.60
CA GLU A 72 12.87 11.49 13.58
C GLU A 72 13.04 13.00 13.47
N THR A 73 12.14 13.65 12.74
CA THR A 73 12.17 15.10 12.59
C THR A 73 10.73 15.58 12.43
N LYS A 74 10.27 16.36 13.39
CA LYS A 74 8.93 16.94 13.37
C LYS A 74 9.05 18.43 13.11
N PHE A 75 8.38 18.91 12.06
CA PHE A 75 8.38 20.33 11.76
C PHE A 75 7.03 20.71 11.17
N GLN A 76 6.70 21.99 11.26
CA GLN A 76 5.45 22.51 10.74
C GLN A 76 5.72 23.80 9.98
N VAL A 77 4.82 24.11 9.05
CA VAL A 77 4.96 25.31 8.23
C VAL A 77 3.77 26.23 8.46
N ASP A 78 2.57 25.77 8.08
CA ASP A 78 1.34 26.53 8.27
C ASP A 78 0.31 25.60 8.91
N LYS A 79 0.41 25.45 10.24
CA LYS A 79 -0.52 24.63 11.03
C LYS A 79 -0.60 23.19 10.52
N VAL A 80 0.39 22.74 9.75
CA VAL A 80 0.46 21.37 9.28
C VAL A 80 1.78 20.77 9.76
N ASN A 81 1.69 19.64 10.46
CA ASN A 81 2.88 18.99 11.00
C ASN A 81 3.39 17.94 10.04
N PHE A 82 4.69 17.97 9.77
CA PHE A 82 5.35 16.99 8.91
C PHE A 82 6.33 16.17 9.73
N HIS A 83 6.38 14.87 9.45
CA HIS A 83 7.29 13.96 10.12
C HIS A 83 8.20 13.33 9.07
N MET A 84 9.51 13.40 9.29
CA MET A 84 10.48 12.81 8.39
C MET A 84 11.23 11.70 9.12
N PHE A 85 11.28 10.53 8.50
CA PHE A 85 11.91 9.34 9.09
C PHE A 85 13.20 9.05 8.33
N ASP A 86 14.33 9.45 8.91
CA ASP A 86 15.64 9.20 8.33
C ASP A 86 16.14 7.87 8.86
N VAL A 87 15.98 6.82 8.06
CA VAL A 87 16.36 5.47 8.46
C VAL A 87 17.87 5.34 8.24
N GLY A 88 18.64 5.53 9.30
CA GLY A 88 20.09 5.55 9.17
C GLY A 88 20.80 4.37 9.80
N ALA A 89 20.25 3.83 10.87
CA ALA A 89 20.90 2.73 11.61
C ALA A 89 20.42 1.38 11.07
N GLN A 90 20.68 1.16 9.78
CA GLN A 90 20.29 -0.07 9.12
C GLN A 90 21.39 -0.46 8.12
N ARG A 91 21.29 -1.70 7.63
CA ARG A 91 22.28 -2.18 6.66
C ARG A 91 22.06 -1.59 5.30
N ASP A 92 23.07 -1.64 4.46
CA ASP A 92 23.00 -1.02 3.14
C ASP A 92 21.88 -1.60 2.28
N GLU A 93 21.51 -2.86 2.52
CA GLU A 93 20.42 -3.47 1.77
C GLU A 93 19.09 -2.89 2.25
N ARG A 94 18.32 -2.31 1.32
CA ARG A 94 17.14 -1.54 1.68
C ARG A 94 15.87 -2.00 0.97
N ARG A 95 15.91 -3.12 0.26
CA ARG A 95 14.74 -3.55 -0.49
C ARG A 95 13.61 -4.06 0.40
N LYS A 96 13.85 -4.26 1.69
CA LYS A 96 12.86 -4.84 2.59
C LYS A 96 12.22 -3.84 3.51
N TRP A 97 13.01 -2.98 4.16
CA TRP A 97 12.43 -1.98 5.06
C TRP A 97 11.93 -0.75 4.33
N ILE A 98 12.13 -0.66 3.01
CA ILE A 98 11.54 0.42 2.23
C ILE A 98 10.07 0.20 1.93
N GLN A 99 9.57 -1.02 2.11
CA GLN A 99 8.15 -1.29 1.90
C GLN A 99 7.28 -0.82 3.06
N CYS A 100 7.89 -0.55 4.21
CA CYS A 100 7.14 -0.01 5.34
C CYS A 100 6.77 1.46 5.14
N PHE A 101 7.34 2.12 4.14
CA PHE A 101 7.13 3.55 3.89
C PHE A 101 6.34 3.78 2.61
N ASN A 102 5.35 2.95 2.33
CA ASN A 102 4.52 3.11 1.15
C ASN A 102 3.25 3.91 1.41
N ASP A 103 3.14 4.53 2.59
CA ASP A 103 2.00 5.36 2.93
C ASP A 103 2.34 6.82 3.10
N VAL A 104 3.63 7.18 3.06
CA VAL A 104 4.01 8.58 3.21
C VAL A 104 3.42 9.41 2.06
N THR A 105 3.29 10.70 2.31
CA THR A 105 2.80 11.59 1.26
C THR A 105 3.88 11.90 0.23
N ALA A 106 5.15 11.72 0.58
CA ALA A 106 6.25 12.02 -0.33
C ALA A 106 7.51 11.36 0.20
N ILE A 107 8.55 11.36 -0.64
CA ILE A 107 9.87 10.90 -0.27
C ILE A 107 10.85 12.03 -0.51
N ILE A 108 11.60 12.41 0.52
CA ILE A 108 12.55 13.53 0.43
C ILE A 108 13.87 12.93 -0.04
N PHE A 109 14.00 12.78 -1.35
CA PHE A 109 15.23 12.28 -1.94
C PHE A 109 16.26 13.39 -1.99
N VAL A 110 17.47 13.11 -1.51
CA VAL A 110 18.55 14.10 -1.45
C VAL A 110 19.72 13.59 -2.26
N VAL A 111 20.24 14.44 -3.15
CA VAL A 111 21.34 14.09 -4.03
C VAL A 111 22.42 15.16 -3.93
N ASP A 112 23.68 14.70 -3.86
CA ASP A 112 24.83 15.63 -3.88
C ASP A 112 25.21 15.83 -5.34
N SER A 113 24.90 17.00 -5.91
CA SER A 113 25.12 17.27 -7.32
C SER A 113 26.59 17.40 -7.68
N SER A 114 27.46 17.74 -6.71
CA SER A 114 28.87 17.93 -7.02
C SER A 114 29.57 16.60 -7.25
N ASP A 115 29.26 15.60 -6.44
CA ASP A 115 29.92 14.29 -6.55
C ASP A 115 29.40 13.52 -7.74
N TYR A 116 29.98 13.75 -8.91
CA TYR A 116 29.55 13.03 -10.10
C TYR A 116 29.88 11.54 -10.01
N ASN A 117 30.85 11.17 -9.17
CA ASN A 117 31.22 9.77 -9.03
C ASN A 117 30.04 8.94 -8.51
N ARG A 118 29.38 9.42 -7.46
CA ARG A 118 28.23 8.76 -6.88
C ARG A 118 26.91 9.31 -7.41
N LEU A 119 26.96 10.20 -8.38
CA LEU A 119 25.71 10.71 -8.95
C LEU A 119 25.00 9.62 -9.72
N GLN A 120 25.75 8.75 -10.35
CA GLN A 120 25.11 7.65 -11.08
C GLN A 120 24.40 6.69 -10.13
N GLU A 121 24.99 6.40 -8.97
CA GLU A 121 24.30 5.55 -8.02
C GLU A 121 23.13 6.28 -7.39
N ALA A 122 23.21 7.61 -7.24
CA ALA A 122 22.03 8.37 -6.87
C ALA A 122 20.93 8.21 -7.92
N LEU A 123 21.30 8.29 -9.20
CA LEU A 123 20.33 8.15 -10.28
C LEU A 123 19.64 6.80 -10.23
N ASN A 124 20.41 5.71 -10.12
CA ASN A 124 19.76 4.40 -10.18
C ASN A 124 19.07 4.05 -8.87
N ASP A 125 19.50 4.61 -7.74
CA ASP A 125 18.72 4.49 -6.50
C ASP A 125 17.37 5.19 -6.66
N PHE A 126 17.36 6.39 -7.23
CA PHE A 126 16.10 7.07 -7.49
C PHE A 126 15.24 6.30 -8.49
N LYS A 127 15.88 5.67 -9.47
CA LYS A 127 15.14 4.84 -10.42
C LYS A 127 14.47 3.66 -9.73
N SER A 128 15.20 3.01 -8.82
CA SER A 128 14.63 1.89 -8.07
C SER A 128 13.49 2.35 -7.16
N ILE A 129 13.65 3.52 -6.54
CA ILE A 129 12.58 4.07 -5.72
C ILE A 129 11.35 4.37 -6.57
N TRP A 130 11.56 4.96 -7.74
CA TRP A 130 10.45 5.31 -8.63
C TRP A 130 9.72 4.08 -9.13
N ASN A 131 10.46 3.04 -9.52
CA ASN A 131 9.88 1.87 -10.16
C ASN A 131 9.49 0.78 -9.17
N ASN A 132 9.64 1.02 -7.88
CA ASN A 132 9.31 0.01 -6.89
C ASN A 132 7.81 -0.26 -6.88
N ARG A 133 7.45 -1.53 -6.70
CA ARG A 133 6.03 -1.92 -6.77
C ARG A 133 5.21 -1.26 -5.67
N TRP A 134 5.77 -1.18 -4.46
CA TRP A 134 5.05 -0.59 -3.34
C TRP A 134 5.20 0.92 -3.26
N LEU A 135 6.22 1.47 -3.90
CA LEU A 135 6.48 2.91 -3.89
C LEU A 135 6.05 3.57 -5.20
N ARG A 136 5.27 2.87 -6.03
CA ARG A 136 4.78 3.46 -7.27
C ARG A 136 3.87 4.66 -7.01
N THR A 137 3.00 4.56 -6.02
CA THR A 137 2.10 5.66 -5.72
C THR A 137 2.83 6.81 -5.04
N ILE A 138 3.92 6.52 -4.33
CA ILE A 138 4.61 7.54 -3.57
C ILE A 138 5.35 8.47 -4.51
N SER A 139 5.15 9.77 -4.34
CA SER A 139 5.77 10.77 -5.19
C SER A 139 7.02 11.34 -4.52
N VAL A 140 8.08 11.51 -5.30
CA VAL A 140 9.39 11.90 -4.78
C VAL A 140 9.54 13.41 -4.88
N ILE A 141 9.97 14.03 -3.79
CA ILE A 141 10.33 15.45 -3.78
C ILE A 141 11.84 15.50 -3.87
N LEU A 142 12.35 15.59 -5.10
CA LEU A 142 13.79 15.54 -5.33
C LEU A 142 14.46 16.81 -4.83
N PHE A 143 15.54 16.64 -4.07
CA PHE A 143 16.30 17.76 -3.52
C PHE A 143 17.75 17.62 -3.97
N LEU A 144 18.14 18.41 -4.97
CA LEU A 144 19.51 18.40 -5.47
C LEU A 144 20.34 19.34 -4.60
N ASN A 145 20.95 18.78 -3.57
CA ASN A 145 21.68 19.55 -2.58
C ASN A 145 23.09 19.89 -3.11
N LYS A 146 23.86 20.61 -2.30
CA LYS A 146 25.25 20.96 -2.60
C LYS A 146 25.37 21.74 -3.90
N GLN A 147 24.45 22.70 -4.10
CA GLN A 147 24.52 23.55 -5.27
C GLN A 147 25.75 24.44 -5.25
N ASP A 148 26.15 24.91 -4.06
CA ASP A 148 27.40 25.69 -3.98
C ASP A 148 28.59 24.86 -4.42
N LEU A 149 28.65 23.60 -3.97
CA LEU A 149 29.73 22.72 -4.39
C LEU A 149 29.71 22.47 -5.88
N LEU A 150 28.52 22.24 -6.46
CA LEU A 150 28.41 22.01 -7.89
C LEU A 150 28.86 23.23 -8.68
N ALA A 151 28.42 24.42 -8.27
CA ALA A 151 28.81 25.65 -8.94
C ALA A 151 30.31 25.87 -8.86
N GLU A 152 30.90 25.61 -7.68
CA GLU A 152 32.34 25.77 -7.54
C GLU A 152 33.09 24.79 -8.45
N LYS A 153 32.61 23.54 -8.51
CA LYS A 153 33.24 22.55 -9.38
C LYS A 153 33.20 23.00 -10.84
N VAL A 154 32.01 23.42 -11.30
CA VAL A 154 31.87 23.81 -12.71
C VAL A 154 32.73 25.05 -13.00
N LEU A 155 32.71 26.04 -12.11
CA LEU A 155 33.47 27.25 -12.34
C LEU A 155 34.98 26.98 -12.35
N ALA A 156 35.45 26.14 -11.43
CA ALA A 156 36.87 25.81 -11.40
C ALA A 156 37.28 25.02 -12.65
N GLY A 157 36.46 24.06 -13.06
CA GLY A 157 36.76 23.28 -14.24
C GLY A 157 37.75 22.14 -14.01
N LYS A 158 38.24 21.95 -12.79
CA LYS A 158 39.13 20.83 -12.52
C LYS A 158 38.42 19.50 -12.75
N SER A 159 37.17 19.40 -12.29
CA SER A 159 36.35 18.23 -12.54
C SER A 159 35.53 18.44 -13.82
N LYS A 160 35.47 17.41 -14.65
CA LYS A 160 34.77 17.45 -15.92
C LYS A 160 33.56 16.54 -15.86
N ILE A 161 32.38 17.11 -16.15
CA ILE A 161 31.14 16.35 -16.07
C ILE A 161 30.91 15.56 -17.35
N GLU A 162 31.56 15.97 -18.45
CA GLU A 162 31.29 15.32 -19.74
C GLU A 162 31.88 13.92 -19.80
N ASP A 163 32.98 13.67 -19.08
CA ASP A 163 33.54 12.33 -19.04
C ASP A 163 32.62 11.37 -18.29
N TYR A 164 32.01 11.82 -17.20
CA TYR A 164 31.11 10.98 -16.43
C TYR A 164 29.71 10.93 -17.00
N PHE A 165 29.37 11.86 -17.90
CA PHE A 165 28.11 11.82 -18.64
C PHE A 165 28.38 12.32 -20.04
N PRO A 166 28.65 11.40 -20.98
CA PRO A 166 28.96 11.83 -22.36
C PRO A 166 27.83 12.58 -23.04
N GLU A 167 26.59 12.35 -22.63
CA GLU A 167 25.44 13.01 -23.24
C GLU A 167 25.32 14.47 -22.84
N PHE A 168 26.20 14.98 -21.97
CA PHE A 168 26.16 16.38 -21.59
C PHE A 168 26.54 17.29 -22.76
N ALA A 169 27.40 16.81 -23.66
CA ALA A 169 27.81 17.63 -24.79
C ALA A 169 26.63 17.97 -25.70
N ARG A 170 25.75 17.01 -25.93
CA ARG A 170 24.56 17.23 -26.76
C ARG A 170 23.41 17.87 -26.00
N TYR A 171 23.73 18.48 -24.86
CA TYR A 171 22.71 19.07 -24.03
C TYR A 171 22.70 20.58 -24.06
N THR A 172 21.53 21.17 -24.25
CA THR A 172 21.36 22.61 -24.16
C THR A 172 20.35 22.93 -23.07
N THR A 173 20.57 24.06 -22.39
CA THR A 173 19.70 24.42 -21.28
C THR A 173 18.27 24.62 -21.78
N PRO A 174 17.26 24.23 -21.00
CA PRO A 174 15.87 24.39 -21.45
C PRO A 174 15.51 25.85 -21.64
N GLU A 175 14.59 26.09 -22.58
CA GLU A 175 14.16 27.45 -22.87
C GLU A 175 13.47 28.09 -21.68
N ASP A 176 12.63 27.33 -20.98
CA ASP A 176 11.86 27.84 -19.84
C ASP A 176 12.61 27.74 -18.53
N ALA A 177 13.94 27.65 -18.57
CA ALA A 177 14.72 27.60 -17.35
C ALA A 177 14.64 28.93 -16.61
N THR A 178 14.80 28.87 -15.29
CA THR A 178 14.72 30.05 -14.43
C THR A 178 15.99 30.11 -13.58
N PRO A 179 17.08 30.60 -14.15
CA PRO A 179 18.31 30.75 -13.38
C PRO A 179 18.34 32.04 -12.60
N GLU A 180 19.13 32.05 -11.53
CA GLU A 180 19.36 33.27 -10.78
C GLU A 180 20.09 34.28 -11.67
N PRO A 181 19.71 35.56 -11.63
CA PRO A 181 20.31 36.53 -12.56
C PRO A 181 21.82 36.62 -12.49
N GLY A 182 22.41 36.51 -11.31
CA GLY A 182 23.86 36.57 -11.20
C GLY A 182 24.51 35.21 -11.21
N GLU A 183 24.18 34.39 -12.21
CA GLU A 183 24.69 33.02 -12.30
C GLU A 183 25.32 32.80 -13.66
N ASP A 184 26.23 31.82 -13.71
CA ASP A 184 26.97 31.48 -14.92
C ASP A 184 26.17 30.51 -15.78
N PRO A 185 26.16 30.75 -17.10
CA PRO A 185 25.45 29.82 -18.00
C PRO A 185 25.95 28.39 -17.91
N ARG A 186 27.26 28.19 -17.71
CA ARG A 186 27.77 26.83 -17.57
C ARG A 186 27.21 26.13 -16.34
N VAL A 187 27.17 26.83 -15.21
CA VAL A 187 26.61 26.25 -14.00
C VAL A 187 25.13 25.97 -14.17
N THR A 188 24.39 26.90 -14.79
CA THR A 188 22.97 26.68 -15.04
C THR A 188 22.77 25.46 -15.91
N ARG A 189 23.57 25.33 -16.97
CA ARG A 189 23.45 24.18 -17.87
C ARG A 189 23.74 22.87 -17.14
N ALA A 190 24.77 22.86 -16.29
CA ALA A 190 25.12 21.64 -15.58
C ALA A 190 24.02 21.23 -14.60
N LYS A 191 23.54 22.17 -13.80
CA LYS A 191 22.54 21.83 -12.79
C LYS A 191 21.22 21.43 -13.45
N TYR A 192 20.84 22.10 -14.54
CA TYR A 192 19.64 21.68 -15.25
C TYR A 192 19.84 20.38 -16.00
N PHE A 193 21.07 20.04 -16.37
CA PHE A 193 21.32 18.72 -16.92
C PHE A 193 21.08 17.62 -15.89
N ILE A 194 21.53 17.84 -14.66
CA ILE A 194 21.30 16.88 -13.60
C ILE A 194 19.81 16.78 -13.34
N ARG A 195 19.14 17.92 -13.26
CA ARG A 195 17.70 17.92 -13.04
C ARG A 195 16.96 17.18 -14.14
N ASP A 196 17.41 17.30 -15.38
CA ASP A 196 16.70 16.67 -16.47
C ASP A 196 16.97 15.20 -16.40
N GLU A 197 18.18 14.83 -16.07
CA GLU A 197 18.46 13.40 -15.89
C GLU A 197 17.45 12.78 -14.92
N PHE A 198 17.30 13.39 -13.74
CA PHE A 198 16.37 12.85 -12.75
C PHE A 198 14.94 12.87 -13.27
N LEU A 199 14.54 13.95 -13.92
CA LEU A 199 13.18 14.05 -14.45
C LEU A 199 12.93 13.07 -15.58
N ARG A 200 13.93 12.80 -16.42
CA ARG A 200 13.75 11.77 -17.44
C ARG A 200 13.57 10.40 -16.81
N ILE A 201 14.36 10.10 -15.78
CA ILE A 201 14.17 8.83 -15.06
C ILE A 201 12.76 8.76 -14.47
N SER A 202 12.27 9.89 -13.95
CA SER A 202 10.96 9.89 -13.30
C SER A 202 9.80 9.84 -14.29
N THR A 203 9.99 10.37 -15.50
CA THR A 203 8.90 10.47 -16.46
C THR A 203 8.88 9.33 -17.48
N ALA A 204 9.99 8.59 -17.65
CA ALA A 204 10.00 7.50 -18.61
C ALA A 204 9.00 6.42 -18.24
N SER A 205 9.03 5.98 -16.98
CA SER A 205 8.15 4.91 -16.51
C SER A 205 7.05 5.42 -15.59
N GLY A 206 6.90 6.73 -15.43
CA GLY A 206 5.87 7.28 -14.58
C GLY A 206 4.48 6.93 -15.04
N ASP A 207 3.68 6.34 -14.14
CA ASP A 207 2.32 5.94 -14.48
C ASP A 207 1.31 7.08 -14.35
N GLY A 208 1.74 8.24 -13.85
CA GLY A 208 0.86 9.38 -13.68
C GLY A 208 0.24 9.50 -12.30
N ARG A 209 0.40 8.50 -11.44
CA ARG A 209 -0.12 8.55 -10.08
C ARG A 209 0.83 9.22 -9.10
N HIS A 210 2.04 9.58 -9.55
CA HIS A 210 2.99 10.27 -8.70
C HIS A 210 3.92 11.09 -9.59
N TYR A 211 4.51 12.12 -8.99
CA TYR A 211 5.32 13.08 -9.74
C TYR A 211 6.59 13.38 -8.96
N CYS A 212 7.61 13.80 -9.69
CA CYS A 212 8.88 14.20 -9.10
C CYS A 212 8.94 15.72 -9.07
N TYR A 213 9.21 16.27 -7.89
CA TYR A 213 9.26 17.73 -7.72
C TYR A 213 10.70 18.14 -7.46
N PRO A 214 11.41 18.62 -8.46
CA PRO A 214 12.83 18.94 -8.28
C PRO A 214 13.03 20.29 -7.62
N HIS A 215 14.15 20.42 -6.91
CA HIS A 215 14.48 21.65 -6.25
C HIS A 215 15.97 21.80 -6.18
N PHE A 216 16.46 23.01 -5.97
CA PHE A 216 17.88 23.31 -5.90
C PHE A 216 18.18 23.83 -4.50
N THR A 217 18.87 23.02 -3.70
CA THR A 217 19.10 23.30 -2.29
C THR A 217 20.58 23.49 -2.04
N CYS A 218 20.90 24.54 -1.27
CA CYS A 218 22.25 24.76 -0.76
C CYS A 218 22.30 24.37 0.71
N SER A 219 23.50 24.43 1.29
CA SER A 219 23.66 24.14 2.70
C SER A 219 23.13 25.26 3.60
N VAL A 220 22.79 26.41 3.02
CA VAL A 220 22.34 27.57 3.79
C VAL A 220 20.89 27.92 3.54
N ASP A 221 20.21 27.20 2.64
CA ASP A 221 18.81 27.52 2.35
C ASP A 221 17.93 27.21 3.56
N THR A 222 16.99 28.12 3.82
CA THR A 222 16.08 27.99 4.94
C THR A 222 14.63 27.76 4.54
N GLU A 223 14.28 27.93 3.26
CA GLU A 223 12.92 27.75 2.79
C GLU A 223 12.65 26.32 2.33
N ASN A 224 13.46 25.36 2.76
CA ASN A 224 13.21 23.96 2.39
C ASN A 224 11.91 23.46 2.99
N ALA A 225 11.59 23.91 4.22
CA ALA A 225 10.30 23.55 4.81
C ALA A 225 9.15 24.08 3.97
N ARG A 226 9.26 25.33 3.48
CA ARG A 226 8.22 25.88 2.62
C ARG A 226 8.13 25.12 1.30
N ARG A 227 9.27 24.73 0.73
CA ARG A 227 9.24 23.95 -0.50
C ARG A 227 8.55 22.61 -0.29
N ILE A 228 8.87 21.93 0.81
CA ILE A 228 8.23 20.65 1.12
C ILE A 228 6.73 20.85 1.33
N PHE A 229 6.36 21.93 2.02
CA PHE A 229 4.94 22.22 2.24
C PHE A 229 4.21 22.42 0.92
N ASN A 230 4.78 23.22 0.03
CA ASN A 230 4.13 23.49 -1.25
C ASN A 230 4.04 22.23 -2.10
N ASP A 231 5.08 21.42 -2.15
CA ASP A 231 4.99 20.23 -2.95
C ASP A 231 4.03 19.21 -2.37
N CYS A 232 4.02 19.05 -1.05
CA CYS A 232 3.03 18.15 -0.48
C CYS A 232 1.61 18.67 -0.69
N ARG A 233 1.42 19.99 -0.69
CA ARG A 233 0.13 20.54 -1.03
C ARG A 233 -0.25 20.18 -2.46
N ASP A 234 0.69 20.29 -3.39
CA ASP A 234 0.44 19.88 -4.77
C ASP A 234 0.14 18.40 -4.86
N ILE A 235 0.88 17.57 -4.10
CA ILE A 235 0.68 16.13 -4.14
C ILE A 235 -0.73 15.78 -3.67
N ILE A 236 -1.14 16.33 -2.53
CA ILE A 236 -2.46 16.02 -1.99
C ILE A 236 -3.55 16.60 -2.89
N GLN A 237 -3.32 17.78 -3.47
CA GLN A 237 -4.30 18.36 -4.38
C GLN A 237 -4.50 17.49 -5.62
N ARG A 238 -3.40 17.00 -6.20
CA ARG A 238 -3.52 16.12 -7.36
C ARG A 238 -4.14 14.79 -6.98
N MET A 239 -3.84 14.30 -5.77
CA MET A 239 -4.48 13.07 -5.31
C MET A 239 -5.99 13.26 -5.16
N HIS A 240 -6.41 14.40 -4.63
CA HIS A 240 -7.84 14.68 -4.50
C HIS A 240 -8.50 14.83 -5.86
N LEU A 241 -7.83 15.51 -6.80
CA LEU A 241 -8.39 15.66 -8.14
C LEU A 241 -8.53 14.31 -8.82
N ARG A 242 -7.54 13.44 -8.70
CA ARG A 242 -7.63 12.10 -9.26
C ARG A 242 -8.72 11.29 -8.57
N GLN A 243 -8.86 11.45 -7.26
CA GLN A 243 -9.90 10.75 -6.52
C GLN A 243 -11.29 11.16 -6.98
N TYR A 244 -11.48 12.46 -7.24
CA TYR A 244 -12.77 12.99 -7.66
C TYR A 244 -12.96 12.95 -9.17
N GLU A 245 -12.02 12.36 -9.91
CA GLU A 245 -12.11 12.20 -11.36
C GLU A 245 -12.06 13.54 -12.09
N LEU A 246 -11.22 14.45 -11.59
CA LEU A 246 -10.94 15.72 -12.27
C LEU A 246 -9.56 15.76 -12.89
N LEU A 247 -8.78 14.70 -12.78
CA LEU A 247 -7.43 14.69 -13.31
C LEU A 247 -7.07 13.31 -13.83
N GLU B 8 46.21 -16.78 -0.47
CA GLU B 8 45.92 -17.71 -1.55
C GLU B 8 44.40 -17.93 -1.73
N LEU B 9 43.74 -18.57 -0.77
CA LEU B 9 42.28 -18.63 -0.67
C LEU B 9 41.67 -19.49 -1.78
N ASP B 10 42.46 -19.86 -2.78
CA ASP B 10 41.92 -20.67 -3.88
C ASP B 10 41.77 -22.12 -3.45
N GLN B 11 42.68 -22.61 -2.61
CA GLN B 11 42.51 -23.96 -2.07
C GLN B 11 41.27 -24.07 -1.21
N LEU B 12 41.01 -23.06 -0.37
CA LEU B 12 39.80 -23.08 0.45
C LEU B 12 38.55 -22.97 -0.41
N ARG B 13 38.58 -22.12 -1.43
CA ARG B 13 37.42 -22.00 -2.32
C ARG B 13 37.16 -23.32 -3.04
N GLN B 14 38.22 -23.98 -3.52
CA GLN B 14 38.06 -25.26 -4.20
C GLN B 14 37.53 -26.33 -3.24
N GLU B 15 38.03 -26.35 -2.01
CA GLU B 15 37.55 -27.32 -1.04
C GLU B 15 36.07 -27.09 -0.73
N ALA B 16 35.66 -25.84 -0.60
CA ALA B 16 34.24 -25.54 -0.38
C ALA B 16 33.41 -25.99 -1.59
N GLU B 17 33.92 -25.77 -2.80
CA GLU B 17 33.18 -26.19 -3.99
C GLU B 17 33.04 -27.70 -4.05
N GLN B 18 34.09 -28.44 -3.71
CA GLN B 18 33.99 -29.90 -3.64
C GLN B 18 33.01 -30.34 -2.56
N LEU B 19 33.01 -29.66 -1.41
CA LEU B 19 32.06 -30.00 -0.36
C LEU B 19 30.62 -29.79 -0.83
N LYS B 20 30.36 -28.67 -1.51
CA LYS B 20 29.02 -28.44 -2.06
C LYS B 20 28.66 -29.49 -3.11
N ASN B 21 29.62 -29.84 -3.96
CA ASN B 21 29.36 -30.84 -5.00
C ASN B 21 29.01 -32.20 -4.40
N GLN B 22 29.76 -32.63 -3.38
CA GLN B 22 29.47 -33.93 -2.78
C GLN B 22 28.18 -33.89 -1.95
N ILE B 23 27.86 -32.76 -1.35
CA ILE B 23 26.56 -32.62 -0.68
C ILE B 23 25.44 -32.75 -1.70
N ARG B 24 25.59 -32.12 -2.87
CA ARG B 24 24.59 -32.24 -3.92
C ARG B 24 24.47 -33.68 -4.40
N ASP B 25 25.61 -34.37 -4.55
CA ASP B 25 25.56 -35.77 -4.99
C ASP B 25 24.86 -36.64 -3.96
N ALA B 26 25.15 -36.43 -2.67
CA ALA B 26 24.47 -37.20 -1.63
C ALA B 26 22.97 -36.91 -1.62
N ARG B 27 22.58 -35.64 -1.81
CA ARG B 27 21.17 -35.29 -1.86
C ARG B 27 20.49 -35.97 -3.05
N LYS B 28 21.14 -35.98 -4.20
CA LYS B 28 20.56 -36.63 -5.37
C LYS B 28 20.44 -38.13 -5.16
N ALA B 29 21.44 -38.75 -4.52
CA ALA B 29 21.37 -40.17 -4.22
C ALA B 29 20.21 -40.47 -3.28
N CYS B 30 20.02 -39.62 -2.26
CA CYS B 30 18.90 -39.80 -1.35
C CYS B 30 17.57 -39.48 -2.01
N ALA B 31 17.56 -38.75 -3.12
CA ALA B 31 16.34 -38.42 -3.82
C ALA B 31 15.81 -39.63 -4.59
N ASP B 32 15.00 -40.46 -3.92
CA ASP B 32 14.46 -41.66 -4.56
C ASP B 32 13.27 -41.32 -5.45
N ALA B 33 12.21 -40.78 -4.86
CA ALA B 33 11.01 -40.44 -5.60
C ALA B 33 10.34 -39.23 -4.96
N THR B 34 9.73 -38.40 -5.81
CA THR B 34 9.14 -37.16 -5.34
C THR B 34 7.84 -37.43 -4.56
N LEU B 35 7.54 -36.51 -3.64
CA LEU B 35 6.32 -36.63 -2.87
C LEU B 35 5.14 -36.51 -3.83
N SER B 36 5.29 -35.71 -4.86
CA SER B 36 4.23 -35.60 -5.85
C SER B 36 3.91 -36.96 -6.45
N GLN B 37 4.95 -37.76 -6.75
CA GLN B 37 4.72 -39.12 -7.21
C GLN B 37 4.10 -39.97 -6.12
N ILE B 38 4.53 -39.77 -4.86
CA ILE B 38 3.98 -40.56 -3.76
C ILE B 38 2.49 -40.31 -3.60
N THR B 39 2.07 -39.04 -3.69
CA THR B 39 0.68 -38.67 -3.47
C THR B 39 -0.17 -38.74 -4.72
N ASN B 40 0.39 -39.16 -5.85
CA ASN B 40 -0.38 -39.22 -7.08
C ASN B 40 -1.57 -40.17 -6.97
N ASN B 41 -1.48 -41.17 -6.10
CA ASN B 41 -2.56 -42.15 -5.97
C ASN B 41 -3.75 -41.59 -5.20
N ILE B 42 -3.51 -40.84 -4.12
CA ILE B 42 -4.59 -40.43 -3.25
C ILE B 42 -5.49 -39.41 -3.94
N ASP B 43 -6.77 -39.43 -3.57
CA ASP B 43 -7.70 -38.42 -4.05
C ASP B 43 -7.37 -37.05 -3.44
N PRO B 44 -7.70 -35.97 -4.14
CA PRO B 44 -7.38 -34.64 -3.62
C PRO B 44 -8.29 -34.25 -2.46
N VAL B 45 -7.89 -33.16 -1.79
CA VAL B 45 -8.71 -32.61 -0.72
C VAL B 45 -10.06 -32.17 -1.27
N GLY B 46 -10.07 -31.61 -2.47
CA GLY B 46 -11.27 -31.02 -3.03
C GLY B 46 -11.33 -29.52 -2.78
N ARG B 47 -12.34 -28.90 -3.36
CA ARG B 47 -12.50 -27.46 -3.21
C ARG B 47 -12.73 -27.10 -1.75
N ILE B 48 -11.96 -26.12 -1.26
CA ILE B 48 -12.04 -25.66 0.12
C ILE B 48 -12.57 -24.24 0.11
N GLN B 49 -13.73 -24.03 0.71
CA GLN B 49 -14.35 -22.72 0.80
C GLN B 49 -14.31 -22.26 2.25
N MET B 50 -13.68 -21.11 2.49
CA MET B 50 -13.58 -20.52 3.82
C MET B 50 -14.26 -19.16 3.80
N ARG B 51 -15.17 -18.95 4.73
CA ARG B 51 -15.93 -17.71 4.82
C ARG B 51 -15.51 -16.93 6.07
N THR B 52 -15.54 -15.61 5.94
CA THR B 52 -15.08 -14.74 7.02
C THR B 52 -16.06 -14.75 8.19
N ARG B 53 -15.79 -15.61 9.18
CA ARG B 53 -16.68 -15.68 10.34
C ARG B 53 -16.67 -14.38 11.13
N ARG B 54 -15.49 -13.82 11.31
CA ARG B 54 -15.35 -12.57 12.06
C ARG B 54 -14.46 -11.60 11.34
N THR B 55 -14.76 -10.33 11.42
CA THR B 55 -13.97 -9.27 10.78
C THR B 55 -13.60 -8.26 11.87
N LEU B 56 -12.40 -8.41 12.42
CA LEU B 56 -11.95 -7.54 13.50
C LEU B 56 -11.55 -6.19 12.93
N ARG B 57 -12.26 -5.14 13.32
CA ARG B 57 -11.99 -3.78 12.91
C ARG B 57 -11.62 -2.94 14.11
N GLY B 58 -10.79 -1.92 13.88
CA GLY B 58 -10.29 -1.09 14.96
C GLY B 58 -8.88 -0.63 14.71
N HIS B 59 -8.20 -1.26 13.76
CA HIS B 59 -6.90 -0.76 13.30
C HIS B 59 -7.12 0.31 12.26
N LEU B 60 -6.50 1.47 12.48
CA LEU B 60 -6.67 2.60 11.58
C LEU B 60 -5.68 2.60 10.43
N ALA B 61 -4.70 1.69 10.45
CA ALA B 61 -3.70 1.62 9.40
C ALA B 61 -3.40 0.18 9.03
N LYS B 62 -2.39 -0.02 8.19
CA LYS B 62 -2.08 -1.37 7.71
C LYS B 62 -1.64 -2.27 8.86
N ILE B 63 -2.11 -3.52 8.84
CA ILE B 63 -1.71 -4.51 9.82
C ILE B 63 -0.51 -5.26 9.29
N TYR B 64 0.61 -5.19 10.01
CA TYR B 64 1.86 -5.77 9.51
C TYR B 64 2.09 -7.20 9.99
N ALA B 65 1.58 -7.57 11.16
CA ALA B 65 1.80 -8.92 11.67
C ALA B 65 0.73 -9.25 12.70
N MET B 66 0.58 -10.56 12.94
CA MET B 66 -0.30 -11.06 13.97
C MET B 66 0.27 -12.37 14.49
N HIS B 67 -0.25 -12.80 15.65
CA HIS B 67 0.14 -14.09 16.19
C HIS B 67 -0.98 -14.62 17.08
N TRP B 68 -1.39 -15.86 16.83
CA TRP B 68 -2.43 -16.50 17.61
C TRP B 68 -1.91 -16.90 18.98
N GLY B 69 -2.80 -16.90 19.97
CA GLY B 69 -2.45 -17.38 21.28
C GLY B 69 -2.52 -18.90 21.37
N THR B 70 -1.87 -19.43 22.41
CA THR B 70 -1.90 -20.87 22.62
C THR B 70 -3.30 -21.36 22.97
N ASP B 71 -4.10 -20.52 23.64
CA ASP B 71 -5.47 -20.86 23.96
C ASP B 71 -6.38 -20.88 22.73
N SER B 72 -5.88 -20.43 21.58
CA SER B 72 -6.61 -20.38 20.32
C SER B 72 -7.77 -19.41 20.34
N ARG B 73 -7.76 -18.46 21.28
CA ARG B 73 -8.82 -17.46 21.38
C ARG B 73 -8.30 -16.03 21.24
N LEU B 74 -7.19 -15.70 21.88
CA LEU B 74 -6.67 -14.34 21.90
C LEU B 74 -5.55 -14.22 20.88
N LEU B 75 -5.68 -13.25 19.97
CA LEU B 75 -4.61 -13.03 18.95
C LEU B 75 -4.03 -11.62 19.13
N VAL B 76 -2.72 -11.47 18.94
CA VAL B 76 -2.06 -10.14 19.05
C VAL B 76 -1.90 -9.57 17.64
N SER B 77 -2.38 -8.34 17.41
CA SER B 77 -2.27 -7.70 16.07
C SER B 77 -1.39 -6.46 16.15
N ALA B 78 -0.65 -6.16 15.08
CA ALA B 78 0.24 -5.00 15.07
C ALA B 78 0.02 -4.21 13.79
N SER B 79 0.13 -2.89 13.91
CA SER B 79 -0.12 -2.00 12.79
C SER B 79 0.91 -0.87 12.80
N GLN B 80 0.96 -0.14 11.67
CA GLN B 80 1.88 0.98 11.56
C GLN B 80 1.35 2.24 12.22
N ASP B 81 0.10 2.24 12.69
CA ASP B 81 -0.40 3.39 13.43
C ASP B 81 0.37 3.59 14.73
N GLY B 82 0.72 2.51 15.41
CA GLY B 82 1.45 2.59 16.66
C GLY B 82 0.72 1.91 17.80
N LYS B 83 -0.19 1.00 17.46
CA LYS B 83 -1.01 0.30 18.43
C LYS B 83 -0.85 -1.20 18.24
N LEU B 84 -0.76 -1.93 19.34
CA LEU B 84 -0.72 -3.38 19.36
C LEU B 84 -2.01 -3.84 20.03
N ILE B 85 -3.01 -4.17 19.23
CA ILE B 85 -4.33 -4.51 19.71
C ILE B 85 -4.42 -6.01 19.91
N ILE B 86 -4.85 -6.45 21.09
CA ILE B 86 -5.04 -7.87 21.38
C ILE B 86 -6.52 -8.09 21.29
N TRP B 87 -6.97 -9.02 20.47
CA TRP B 87 -8.37 -9.26 20.19
C TRP B 87 -8.84 -10.55 20.86
N ASP B 88 -10.16 -10.73 20.88
CA ASP B 88 -10.80 -11.97 21.27
C ASP B 88 -11.68 -12.38 20.10
N SER B 89 -11.20 -13.33 19.30
CA SER B 89 -11.85 -13.65 18.03
C SER B 89 -13.26 -14.17 18.23
N TYR B 90 -13.55 -14.79 19.38
CA TYR B 90 -14.89 -15.31 19.63
C TYR B 90 -15.91 -14.18 19.71
N THR B 91 -15.55 -13.08 20.38
CA THR B 91 -16.49 -12.00 20.64
C THR B 91 -16.09 -10.66 20.01
N THR B 92 -14.99 -10.61 19.27
CA THR B 92 -14.51 -9.37 18.64
C THR B 92 -14.33 -8.28 19.69
N ASN B 93 -13.72 -8.64 20.82
CA ASN B 93 -13.52 -7.74 21.95
C ASN B 93 -12.04 -7.42 22.07
N LYS B 94 -11.71 -6.14 22.04
CA LYS B 94 -10.32 -5.69 22.17
C LYS B 94 -9.94 -5.79 23.64
N VAL B 95 -9.37 -6.94 24.01
CA VAL B 95 -8.97 -7.16 25.39
C VAL B 95 -7.86 -6.20 25.80
N HIS B 96 -7.05 -5.75 24.84
CA HIS B 96 -5.96 -4.84 25.14
C HIS B 96 -5.66 -4.00 23.92
N ALA B 97 -4.98 -2.88 24.14
CA ALA B 97 -4.48 -2.02 23.07
C ALA B 97 -3.29 -1.26 23.61
N ILE B 98 -2.09 -1.72 23.25
CA ILE B 98 -0.86 -1.17 23.81
C ILE B 98 -0.36 -0.04 22.92
N PRO B 99 -0.09 1.14 23.47
CA PRO B 99 0.51 2.22 22.68
C PRO B 99 1.98 1.95 22.41
N LEU B 100 2.29 1.58 21.17
CA LEU B 100 3.66 1.25 20.79
C LEU B 100 4.50 2.51 20.73
N ARG B 101 5.70 2.45 21.30
CA ARG B 101 6.62 3.58 21.24
C ARG B 101 7.04 3.87 19.80
N SER B 102 7.31 2.82 19.03
CA SER B 102 7.68 2.94 17.62
C SER B 102 6.54 2.43 16.76
N SER B 103 6.12 3.23 15.79
CA SER B 103 5.03 2.85 14.91
C SER B 103 5.46 1.93 13.78
N TRP B 104 6.77 1.73 13.58
CA TRP B 104 7.27 0.88 12.51
C TRP B 104 7.50 -0.54 12.98
N VAL B 105 6.49 -1.16 13.57
CA VAL B 105 6.59 -2.54 14.04
C VAL B 105 6.31 -3.48 12.88
N MET B 106 7.19 -4.46 12.68
CA MET B 106 7.02 -5.43 11.60
C MET B 106 6.54 -6.77 12.10
N THR B 107 6.71 -7.08 13.39
CA THR B 107 6.36 -8.38 13.92
C THR B 107 5.78 -8.25 15.32
N CYS B 108 5.01 -9.25 15.70
CA CYS B 108 4.46 -9.35 17.05
C CYS B 108 4.31 -10.83 17.38
N ALA B 109 4.24 -11.12 18.68
CA ALA B 109 4.10 -12.52 19.13
C ALA B 109 3.26 -12.61 20.39
N TYR B 110 2.77 -13.79 20.69
CA TYR B 110 2.01 -13.98 21.90
C TYR B 110 2.68 -15.07 22.64
N ALA B 111 2.81 -14.92 23.93
CA ALA B 111 3.51 -15.91 24.74
C ALA B 111 2.77 -17.26 24.84
N PRO B 112 3.52 -18.40 24.90
CA PRO B 112 2.74 -19.64 25.08
C PRO B 112 1.95 -19.67 26.37
N SER B 113 2.46 -19.08 27.45
CA SER B 113 1.71 -19.04 28.70
C SER B 113 0.61 -18.00 28.67
N GLY B 114 0.72 -17.02 27.78
CA GLY B 114 -0.31 -15.99 27.63
C GLY B 114 -0.05 -14.75 28.43
N ASN B 115 1.09 -14.68 29.08
CA ASN B 115 1.35 -13.57 29.98
C ASN B 115 2.16 -12.44 29.35
N TYR B 116 2.87 -12.71 28.24
CA TYR B 116 3.74 -11.72 27.63
C TYR B 116 3.39 -11.55 26.16
N VAL B 117 3.69 -10.37 25.63
CA VAL B 117 3.54 -10.07 24.21
C VAL B 117 4.75 -9.27 23.76
N ALA B 118 5.32 -9.64 22.63
CA ALA B 118 6.52 -8.99 22.10
C ALA B 118 6.19 -8.29 20.78
N CYS B 119 7.06 -7.35 20.42
CA CYS B 119 6.92 -6.63 19.16
C CYS B 119 8.27 -6.02 18.80
N GLY B 120 8.53 -5.91 17.50
CA GLY B 120 9.78 -5.32 17.04
C GLY B 120 9.62 -4.83 15.61
N GLY B 121 10.52 -3.95 15.22
CA GLY B 121 10.46 -3.38 13.89
C GLY B 121 11.72 -2.65 13.46
N LEU B 122 11.56 -1.49 12.82
CA LEU B 122 12.69 -0.71 12.35
C LEU B 122 13.48 -0.06 13.48
N ASP B 123 13.01 -0.12 14.71
CA ASP B 123 13.76 0.42 15.84
C ASP B 123 14.80 -0.54 16.37
N ASN B 124 14.90 -1.75 15.80
CA ASN B 124 15.90 -2.76 16.14
C ASN B 124 15.78 -3.24 17.59
N ILE B 125 14.63 -3.02 18.22
CA ILE B 125 14.42 -3.37 19.62
C ILE B 125 13.20 -4.27 19.72
N CYS B 126 13.33 -5.37 20.45
CA CYS B 126 12.21 -6.26 20.74
C CYS B 126 11.61 -5.84 22.08
N SER B 127 10.46 -5.17 22.04
CA SER B 127 9.79 -4.71 23.24
C SER B 127 8.83 -5.78 23.73
N ILE B 128 9.03 -6.24 24.96
CA ILE B 128 8.21 -7.29 25.55
C ILE B 128 7.26 -6.66 26.56
N TYR B 129 5.97 -6.94 26.42
CA TYR B 129 4.92 -6.31 27.20
C TYR B 129 4.34 -7.33 28.16
N ASN B 130 4.24 -6.95 29.44
CA ASN B 130 3.70 -7.83 30.48
C ASN B 130 2.18 -7.66 30.53
N LEU B 131 1.46 -8.68 30.08
CA LEU B 131 0.00 -8.61 30.11
C LEU B 131 -0.53 -8.78 31.54
N LYS B 132 0.02 -9.75 32.28
CA LYS B 132 -0.46 -10.05 33.63
C LYS B 132 0.35 -9.26 34.63
N THR B 133 -0.07 -8.01 34.84
CA THR B 133 0.56 -7.12 35.81
C THR B 133 -0.31 -7.00 37.05
N ARG B 134 0.35 -6.74 38.18
CA ARG B 134 -0.37 -6.62 39.45
C ARG B 134 -1.33 -5.44 39.43
N GLU B 135 -0.92 -4.32 38.84
CA GLU B 135 -1.76 -3.14 38.74
C GLU B 135 -2.84 -3.27 37.66
N GLY B 136 -2.78 -4.30 36.83
CA GLY B 136 -3.77 -4.48 35.78
C GLY B 136 -3.53 -3.68 34.53
N ASN B 137 -2.43 -2.93 34.46
CA ASN B 137 -2.10 -2.12 33.29
C ASN B 137 -0.86 -2.68 32.61
N VAL B 138 -0.86 -2.64 31.29
CA VAL B 138 0.23 -3.21 30.51
C VAL B 138 1.44 -2.28 30.57
N ARG B 139 2.60 -2.86 30.88
CA ARG B 139 3.86 -2.13 30.93
C ARG B 139 4.94 -2.93 30.20
N VAL B 140 5.88 -2.23 29.57
CA VAL B 140 6.98 -2.91 28.91
C VAL B 140 7.89 -3.54 29.95
N SER B 141 8.19 -4.82 29.76
CA SER B 141 9.04 -5.54 30.70
C SER B 141 10.52 -5.41 30.38
N ARG B 142 10.88 -5.36 29.10
CA ARG B 142 12.28 -5.27 28.71
C ARG B 142 12.39 -4.66 27.33
N GLU B 143 13.44 -3.87 27.12
CA GLU B 143 13.78 -3.31 25.82
C GLU B 143 14.96 -4.11 25.29
N LEU B 144 14.68 -5.17 24.55
CA LEU B 144 15.71 -6.07 24.06
C LEU B 144 16.47 -5.41 22.92
N ALA B 145 17.58 -4.76 23.25
CA ALA B 145 18.45 -4.14 22.28
C ALA B 145 19.70 -4.97 22.08
N GLY B 146 20.28 -4.88 20.89
CA GLY B 146 21.45 -5.66 20.56
C GLY B 146 21.50 -6.10 19.12
N HIS B 147 20.43 -5.88 18.38
CA HIS B 147 20.40 -6.16 16.95
C HIS B 147 20.84 -4.94 16.16
N THR B 148 21.54 -5.18 15.04
CA THR B 148 21.99 -4.10 14.19
C THR B 148 20.94 -3.71 13.15
N GLY B 149 20.11 -4.65 12.71
CA GLY B 149 19.09 -4.37 11.72
C GLY B 149 17.70 -4.54 12.27
N TYR B 150 16.71 -4.26 11.45
CA TYR B 150 15.32 -4.37 11.83
C TYR B 150 14.90 -5.75 12.14
N LEU B 151 14.10 -5.94 13.15
CA LEU B 151 13.54 -7.25 13.46
C LEU B 151 12.38 -7.58 12.53
N SER B 152 12.33 -8.82 12.08
CA SER B 152 11.32 -9.25 11.12
C SER B 152 10.34 -10.25 11.68
N CYS B 153 10.77 -11.12 12.59
CA CYS B 153 9.88 -12.11 13.19
C CYS B 153 10.50 -12.60 14.48
N CYS B 154 9.78 -12.45 15.59
CA CYS B 154 10.23 -12.91 16.90
C CYS B 154 9.21 -13.89 17.46
N ARG B 155 9.71 -15.00 18.00
CA ARG B 155 8.86 -16.04 18.54
C ARG B 155 9.27 -16.37 19.96
N PHE B 156 8.30 -16.82 20.77
CA PHE B 156 8.51 -17.11 22.17
C PHE B 156 8.79 -18.59 22.36
N LEU B 157 9.86 -18.90 23.07
CA LEU B 157 10.10 -20.27 23.53
C LEU B 157 9.40 -20.56 24.85
N ASP B 158 9.63 -19.70 25.84
CA ASP B 158 8.98 -19.79 27.14
C ASP B 158 8.65 -18.37 27.60
N ASP B 159 8.32 -18.24 28.87
CA ASP B 159 8.13 -16.91 29.44
C ASP B 159 9.43 -16.13 29.58
N ASN B 160 10.57 -16.78 29.39
CA ASN B 160 11.87 -16.13 29.61
C ASN B 160 12.81 -16.21 28.41
N GLN B 161 12.52 -17.07 27.45
CA GLN B 161 13.37 -17.21 26.28
C GLN B 161 12.59 -16.79 25.03
N ILE B 162 13.21 -15.93 24.22
CA ILE B 162 12.61 -15.43 22.99
C ILE B 162 13.67 -15.44 21.90
N VAL B 163 13.27 -15.83 20.69
CA VAL B 163 14.15 -15.89 19.53
C VAL B 163 13.68 -14.84 18.53
N THR B 164 14.60 -13.97 18.11
CA THR B 164 14.28 -12.88 17.21
C THR B 164 15.07 -13.02 15.92
N SER B 165 14.38 -12.89 14.78
CA SER B 165 15.02 -12.83 13.48
C SER B 165 15.09 -11.37 13.05
N SER B 166 16.32 -10.92 12.81
CA SER B 166 16.52 -9.56 12.41
C SER B 166 17.09 -9.44 11.03
N GLY B 167 17.26 -8.22 10.55
CA GLY B 167 17.84 -8.01 9.25
C GLY B 167 19.26 -7.66 9.52
N ASP B 168 19.86 -8.36 10.46
CA ASP B 168 21.23 -8.14 10.83
C ASP B 168 21.80 -9.43 10.40
N THR B 169 21.11 -10.10 9.50
CA THR B 169 21.54 -11.42 9.03
C THR B 169 21.87 -12.37 10.17
N THR B 170 21.34 -12.13 11.38
CA THR B 170 21.60 -13.00 12.51
C THR B 170 20.33 -13.19 13.33
N CYS B 171 20.00 -14.44 13.63
CA CYS B 171 18.98 -14.75 14.62
C CYS B 171 19.62 -14.77 16.00
N ALA B 172 18.83 -14.37 17.01
CA ALA B 172 19.34 -14.26 18.36
C ALA B 172 18.38 -14.92 19.35
N LEU B 173 18.94 -15.50 20.40
CA LEU B 173 18.20 -16.05 21.52
C LEU B 173 18.44 -15.18 22.75
N TRP B 174 17.37 -14.69 23.35
CA TRP B 174 17.53 -13.78 24.47
C TRP B 174 17.12 -14.35 25.79
N ASP B 175 17.49 -13.69 26.89
CA ASP B 175 17.00 -14.10 28.19
C ASP B 175 16.17 -12.91 28.55
N ILE B 176 14.92 -13.10 28.87
CA ILE B 176 14.02 -11.98 29.09
C ILE B 176 14.31 -11.38 30.46
N GLU B 177 14.71 -12.23 31.40
CA GLU B 177 15.00 -11.74 32.74
C GLU B 177 16.29 -10.93 32.77
N THR B 178 17.31 -11.38 32.04
CA THR B 178 18.59 -10.67 32.00
C THR B 178 18.66 -9.68 30.85
N GLY B 179 17.96 -9.94 29.75
CA GLY B 179 17.99 -9.05 28.60
C GLY B 179 19.32 -9.01 27.89
N GLN B 180 19.93 -10.18 27.67
CA GLN B 180 21.22 -10.27 27.02
C GLN B 180 21.16 -11.35 25.94
N GLN B 181 22.29 -11.56 25.28
CA GLN B 181 22.43 -12.56 24.22
C GLN B 181 22.82 -13.90 24.82
N THR B 182 21.81 -14.72 25.12
CA THR B 182 22.09 -16.08 25.60
C THR B 182 22.77 -16.90 24.51
N THR B 183 22.23 -16.85 23.30
CA THR B 183 22.82 -17.56 22.16
C THR B 183 22.55 -16.75 20.90
N THR B 184 23.59 -16.56 20.09
CA THR B 184 23.50 -15.81 18.85
C THR B 184 23.72 -16.74 17.67
N PHE B 185 22.81 -16.71 16.71
CA PHE B 185 22.88 -17.53 15.52
C PHE B 185 23.32 -16.69 14.34
N THR B 186 24.39 -17.11 13.68
CA THR B 186 24.96 -16.37 12.56
C THR B 186 25.25 -17.33 11.41
N GLY B 187 25.28 -16.78 10.20
CA GLY B 187 25.56 -17.57 9.03
C GLY B 187 24.74 -17.18 7.82
N HIS B 188 23.67 -16.41 8.03
CA HIS B 188 22.82 -15.99 6.92
C HIS B 188 23.49 -14.87 6.14
N THR B 189 23.50 -15.00 4.81
CA THR B 189 24.07 -13.96 3.97
C THR B 189 23.13 -12.77 3.84
N GLY B 190 21.81 -13.02 3.88
CA GLY B 190 20.82 -11.99 3.68
C GLY B 190 19.98 -11.76 4.92
N ASP B 191 19.17 -10.69 4.86
CA ASP B 191 18.33 -10.29 6.01
C ASP B 191 17.33 -11.38 6.36
N VAL B 192 17.45 -11.93 7.58
CA VAL B 192 16.53 -12.95 8.05
C VAL B 192 15.15 -12.34 8.18
N MET B 193 14.20 -12.88 7.41
CA MET B 193 12.88 -12.27 7.32
C MET B 193 11.82 -12.97 8.15
N SER B 194 12.01 -14.24 8.51
CA SER B 194 11.03 -14.94 9.33
C SER B 194 11.65 -16.22 9.86
N LEU B 195 11.23 -16.59 11.07
CA LEU B 195 11.60 -17.87 11.65
C LEU B 195 10.36 -18.52 12.25
N SER B 196 10.39 -19.85 12.34
CA SER B 196 9.33 -20.61 12.97
C SER B 196 9.95 -21.64 13.90
N LEU B 197 9.29 -21.87 15.02
CA LEU B 197 9.79 -22.80 16.03
C LEU B 197 9.18 -24.18 15.85
N ALA B 198 10.01 -25.19 16.10
CA ALA B 198 9.56 -26.57 16.00
C ALA B 198 8.64 -26.91 17.16
N PRO B 199 7.77 -27.93 17.00
CA PRO B 199 6.88 -28.29 18.11
C PRO B 199 7.60 -28.64 19.40
N ASP B 200 8.76 -29.28 19.32
CA ASP B 200 9.52 -29.62 20.51
C ASP B 200 10.37 -28.46 21.02
N THR B 201 10.40 -27.34 20.29
CA THR B 201 11.14 -26.13 20.65
C THR B 201 12.64 -26.34 20.74
N ARG B 202 13.14 -27.53 20.37
CA ARG B 202 14.57 -27.78 20.37
C ARG B 202 15.25 -27.14 19.16
N LEU B 203 14.55 -27.04 18.04
CA LEU B 203 15.11 -26.51 16.80
C LEU B 203 14.18 -25.44 16.25
N PHE B 204 14.71 -24.67 15.31
CA PHE B 204 13.91 -23.68 14.59
C PHE B 204 14.62 -23.34 13.29
N VAL B 205 13.84 -23.14 12.23
CA VAL B 205 14.37 -22.75 10.95
C VAL B 205 14.09 -21.26 10.72
N SER B 206 14.87 -20.65 9.84
CA SER B 206 14.74 -19.23 9.56
C SER B 206 14.91 -18.98 8.07
N GLY B 207 14.10 -18.08 7.53
CA GLY B 207 14.20 -17.66 6.14
C GLY B 207 14.88 -16.32 6.06
N ALA B 208 15.71 -16.14 5.04
CA ALA B 208 16.54 -14.94 4.91
C ALA B 208 16.44 -14.39 3.50
N CYS B 209 17.06 -13.23 3.31
CA CYS B 209 17.12 -12.57 2.01
C CYS B 209 18.27 -13.08 1.15
N ASP B 210 18.79 -14.27 1.45
CA ASP B 210 19.79 -14.92 0.62
C ASP B 210 19.24 -16.18 -0.05
N ALA B 211 17.91 -16.29 -0.14
CA ALA B 211 17.23 -17.39 -0.81
C ALA B 211 17.52 -18.75 -0.19
N SER B 212 17.99 -18.78 1.06
CA SER B 212 18.32 -20.02 1.73
C SER B 212 17.69 -20.03 3.12
N ALA B 213 17.16 -21.18 3.51
CA ALA B 213 16.61 -21.40 4.84
C ALA B 213 17.50 -22.39 5.57
N LYS B 214 17.81 -22.07 6.83
CA LYS B 214 18.70 -22.89 7.60
C LYS B 214 18.08 -23.37 8.87
N LEU B 215 18.52 -24.53 9.37
CA LEU B 215 18.03 -25.12 10.61
C LEU B 215 19.05 -24.90 11.72
N TRP B 216 18.60 -24.30 12.82
CA TRP B 216 19.47 -23.93 13.92
C TRP B 216 19.14 -24.75 15.16
N ASP B 217 20.16 -25.15 15.89
CA ASP B 217 20.00 -25.82 17.17
C ASP B 217 20.06 -24.77 18.28
N VAL B 218 18.98 -24.66 19.06
CA VAL B 218 18.91 -23.63 20.08
C VAL B 218 19.98 -23.84 21.14
N ARG B 219 20.13 -25.08 21.60
CA ARG B 219 21.13 -25.36 22.63
C ARG B 219 22.54 -25.23 22.09
N GLU B 220 22.82 -25.83 20.94
CA GLU B 220 24.16 -25.79 20.38
C GLU B 220 24.51 -24.40 19.88
N GLY B 221 23.55 -23.70 19.27
CA GLY B 221 23.83 -22.40 18.70
C GLY B 221 24.50 -22.43 17.35
N MET B 222 24.52 -23.58 16.68
CA MET B 222 25.16 -23.74 15.40
C MET B 222 24.13 -24.14 14.34
N CYS B 223 24.39 -23.73 13.11
CA CYS B 223 23.51 -24.07 11.99
C CYS B 223 23.61 -25.55 11.71
N ARG B 224 22.53 -26.29 11.94
CA ARG B 224 22.53 -27.73 11.73
C ARG B 224 22.68 -28.05 10.24
N GLN B 225 21.88 -27.41 9.40
CA GLN B 225 21.93 -27.66 7.97
C GLN B 225 21.32 -26.47 7.23
N THR B 226 21.61 -26.40 5.93
CA THR B 226 21.15 -25.31 5.08
C THR B 226 20.33 -25.87 3.93
N PHE B 227 19.25 -25.18 3.58
CA PHE B 227 18.37 -25.57 2.47
C PHE B 227 18.38 -24.45 1.44
N THR B 228 18.77 -24.79 0.20
CA THR B 228 18.90 -23.83 -0.88
C THR B 228 18.10 -24.34 -2.08
N GLY B 229 16.88 -23.83 -2.22
CA GLY B 229 16.05 -24.19 -3.36
C GLY B 229 15.20 -23.05 -3.86
N HIS B 230 15.45 -21.86 -3.33
CA HIS B 230 14.63 -20.72 -3.71
C HIS B 230 15.37 -19.84 -4.66
N GLU B 231 14.65 -19.28 -5.62
CA GLU B 231 15.29 -18.48 -6.65
C GLU B 231 15.10 -17.03 -6.35
N SER B 232 14.49 -16.76 -5.22
CA SER B 232 14.23 -15.38 -4.85
C SER B 232 14.21 -15.27 -3.35
N ASP B 233 14.15 -14.01 -2.88
CA ASP B 233 14.16 -13.73 -1.43
C ASP B 233 13.08 -14.52 -0.68
N ILE B 234 13.43 -15.09 0.46
CA ILE B 234 12.44 -15.79 1.30
C ILE B 234 11.79 -14.86 2.32
N ASN B 235 10.47 -14.91 2.44
CA ASN B 235 9.76 -13.99 3.36
C ASN B 235 9.07 -14.65 4.56
N ALA B 236 8.55 -15.86 4.42
CA ALA B 236 7.81 -16.51 5.48
C ALA B 236 8.22 -17.97 5.54
N ILE B 237 8.12 -18.56 6.73
CA ILE B 237 8.56 -19.93 6.96
C ILE B 237 7.76 -20.49 8.13
N CYS B 238 7.44 -21.78 8.08
CA CYS B 238 6.63 -22.42 9.11
C CYS B 238 6.88 -23.92 9.11
N PHE B 239 7.14 -24.48 10.30
CA PHE B 239 7.36 -25.92 10.41
C PHE B 239 6.10 -26.70 10.05
N PHE B 240 6.32 -27.93 9.60
CA PHE B 240 5.25 -28.91 9.50
C PHE B 240 4.86 -29.37 10.90
N PRO B 241 3.63 -29.84 11.09
CA PRO B 241 3.25 -30.36 12.42
C PRO B 241 4.12 -31.51 12.89
N ASN B 242 4.79 -32.23 11.99
CA ASN B 242 5.80 -33.20 12.41
C ASN B 242 6.93 -32.53 13.18
N GLY B 243 7.36 -31.36 12.71
CA GLY B 243 8.65 -30.83 13.07
C GLY B 243 9.79 -31.39 12.25
N ASN B 244 9.49 -32.22 11.25
CA ASN B 244 10.49 -32.79 10.36
C ASN B 244 10.48 -32.15 8.98
N ALA B 245 9.74 -31.05 8.81
CA ALA B 245 9.63 -30.39 7.51
C ALA B 245 9.13 -28.98 7.74
N PHE B 246 9.22 -28.17 6.69
CA PHE B 246 8.73 -26.80 6.76
C PHE B 246 8.46 -26.30 5.34
N ALA B 247 7.73 -25.20 5.25
CA ALA B 247 7.41 -24.56 3.99
C ALA B 247 7.93 -23.13 4.00
N THR B 248 8.20 -22.60 2.81
CA THR B 248 8.77 -21.27 2.66
C THR B 248 8.06 -20.52 1.56
N GLY B 249 7.85 -19.22 1.77
CA GLY B 249 7.35 -18.33 0.75
C GLY B 249 8.47 -17.47 0.19
N SER B 250 8.25 -16.95 -1.00
CA SER B 250 9.25 -16.13 -1.64
C SER B 250 8.69 -15.20 -2.66
N ASP B 251 9.46 -14.19 -3.05
CA ASP B 251 8.95 -13.16 -4.01
C ASP B 251 8.61 -13.81 -5.36
N ASP B 252 9.25 -14.93 -5.69
CA ASP B 252 8.99 -15.59 -6.97
C ASP B 252 7.67 -16.32 -7.00
N ALA B 253 6.79 -16.09 -6.02
CA ALA B 253 5.46 -16.69 -5.92
C ALA B 253 5.49 -18.21 -5.82
N THR B 254 6.55 -18.78 -5.25
CA THR B 254 6.68 -20.23 -5.15
C THR B 254 6.80 -20.63 -3.69
N CYS B 255 5.87 -21.46 -3.23
CA CYS B 255 6.01 -22.14 -1.95
C CYS B 255 6.79 -23.44 -2.15
N ARG B 256 7.70 -23.72 -1.22
CA ARG B 256 8.57 -24.87 -1.33
C ARG B 256 8.67 -25.57 0.02
N LEU B 257 8.45 -26.87 0.02
CA LEU B 257 8.48 -27.67 1.24
C LEU B 257 9.81 -28.42 1.31
N PHE B 258 10.56 -28.19 2.39
CA PHE B 258 11.82 -28.86 2.62
C PHE B 258 11.66 -29.87 3.76
N ASP B 259 12.46 -30.93 3.71
CA ASP B 259 12.50 -31.93 4.76
C ASP B 259 13.85 -31.86 5.47
N LEU B 260 13.81 -31.77 6.79
CA LEU B 260 15.04 -31.59 7.56
C LEU B 260 15.97 -32.78 7.40
N ARG B 261 15.45 -34.00 7.56
CA ARG B 261 16.31 -35.18 7.48
C ARG B 261 16.76 -35.43 6.04
N ALA B 262 15.89 -35.20 5.06
CA ALA B 262 16.26 -35.38 3.67
C ALA B 262 17.23 -34.31 3.18
N ASP B 263 17.33 -33.18 3.89
CA ASP B 263 18.27 -32.11 3.59
C ASP B 263 18.01 -31.46 2.23
N GLN B 264 16.82 -31.63 1.67
CA GLN B 264 16.48 -30.99 0.41
C GLN B 264 14.97 -30.87 0.30
N GLU B 265 14.52 -30.09 -0.68
CA GLU B 265 13.12 -29.80 -0.88
C GLU B 265 12.35 -31.07 -1.25
N LEU B 266 11.03 -30.95 -1.23
CA LEU B 266 10.14 -32.03 -1.67
C LEU B 266 9.29 -31.64 -2.86
N MET B 267 8.61 -30.49 -2.80
CA MET B 267 7.77 -30.04 -3.90
C MET B 267 7.80 -28.51 -3.95
N THR B 268 7.37 -27.98 -5.08
CA THR B 268 7.28 -26.53 -5.30
C THR B 268 5.83 -26.18 -5.60
N TYR B 269 5.22 -25.38 -4.74
CA TYR B 269 3.82 -24.97 -4.89
C TYR B 269 3.81 -23.69 -5.71
N SER B 270 3.74 -23.84 -7.03
CA SER B 270 3.80 -22.71 -7.95
C SER B 270 2.81 -22.90 -9.07
N HIS B 271 2.45 -21.79 -9.72
CA HIS B 271 1.56 -21.82 -10.87
C HIS B 271 1.93 -20.68 -11.79
N ASP B 272 1.51 -20.79 -13.05
CA ASP B 272 1.80 -19.75 -14.03
C ASP B 272 1.07 -18.46 -13.72
N ASN B 273 -0.18 -18.55 -13.26
CA ASN B 273 -0.96 -17.34 -13.02
C ASN B 273 -0.37 -16.50 -11.89
N ILE B 274 0.09 -17.13 -10.81
CA ILE B 274 0.62 -16.38 -9.68
C ILE B 274 2.01 -15.84 -10.03
N ILE B 275 2.18 -14.53 -9.89
CA ILE B 275 3.42 -13.86 -10.22
C ILE B 275 3.82 -12.95 -9.06
N CYS B 276 2.91 -12.78 -8.10
CA CYS B 276 3.11 -11.88 -6.99
C CYS B 276 3.72 -12.62 -5.80
N GLY B 277 4.61 -11.92 -5.09
CA GLY B 277 5.38 -12.57 -4.05
C GLY B 277 4.53 -13.00 -2.86
N ILE B 278 5.12 -13.88 -2.06
CA ILE B 278 4.46 -14.45 -0.89
C ILE B 278 4.87 -13.66 0.34
N THR B 279 3.91 -13.38 1.22
CA THR B 279 4.18 -12.65 2.45
C THR B 279 3.98 -13.46 3.72
N SER B 280 3.20 -14.53 3.68
CA SER B 280 2.96 -15.32 4.88
C SER B 280 2.64 -16.76 4.49
N VAL B 281 3.10 -17.70 5.31
CA VAL B 281 2.91 -19.12 5.09
C VAL B 281 2.54 -19.77 6.42
N SER B 282 1.53 -20.63 6.40
CA SER B 282 1.12 -21.33 7.61
C SER B 282 0.49 -22.66 7.23
N PHE B 283 0.77 -23.69 8.03
CA PHE B 283 0.19 -25.01 7.86
C PHE B 283 -1.06 -25.15 8.72
N SER B 284 -1.86 -26.16 8.40
CA SER B 284 -3.01 -26.50 9.22
C SER B 284 -2.58 -27.38 10.39
N LYS B 285 -3.56 -27.87 11.16
CA LYS B 285 -3.25 -28.71 12.30
C LYS B 285 -2.62 -30.03 11.85
N SER B 286 -3.16 -30.63 10.79
CA SER B 286 -2.63 -31.88 10.27
C SER B 286 -1.51 -31.68 9.26
N GLY B 287 -1.29 -30.45 8.79
CA GLY B 287 -0.30 -30.19 7.78
C GLY B 287 -0.74 -30.48 6.36
N ARG B 288 -1.98 -30.96 6.17
CA ARG B 288 -2.45 -31.26 4.82
C ARG B 288 -2.65 -30.00 4.00
N LEU B 289 -3.05 -28.90 4.64
CA LEU B 289 -3.30 -27.65 3.95
C LEU B 289 -2.16 -26.69 4.20
N LEU B 290 -1.60 -26.14 3.14
CA LEU B 290 -0.54 -25.14 3.20
C LEU B 290 -1.14 -23.82 2.76
N LEU B 291 -1.44 -22.96 3.73
CA LEU B 291 -2.04 -21.67 3.43
C LEU B 291 -0.95 -20.62 3.24
N ALA B 292 -0.98 -19.94 2.10
CA ALA B 292 0.04 -18.95 1.75
C ALA B 292 -0.62 -17.61 1.47
N GLY B 293 -0.11 -16.56 2.10
CA GLY B 293 -0.65 -15.24 1.88
C GLY B 293 0.15 -14.43 0.88
N TYR B 294 -0.33 -14.36 -0.35
CA TYR B 294 0.34 -13.59 -1.39
C TYR B 294 0.01 -12.11 -1.23
N ASP B 295 0.87 -11.27 -1.82
CA ASP B 295 0.66 -9.83 -1.79
C ASP B 295 -0.17 -9.33 -2.98
N ASP B 296 -0.89 -10.23 -3.65
CA ASP B 296 -1.85 -9.86 -4.69
C ASP B 296 -3.27 -9.76 -4.16
N PHE B 297 -3.42 -9.38 -2.89
CA PHE B 297 -4.67 -9.02 -2.21
C PHE B 297 -5.51 -10.22 -1.79
N ASN B 298 -5.00 -11.44 -1.87
CA ASN B 298 -5.76 -12.60 -1.40
C ASN B 298 -4.78 -13.70 -1.00
N CYS B 299 -5.31 -14.87 -0.68
CA CYS B 299 -4.53 -16.00 -0.23
C CYS B 299 -4.99 -17.26 -0.96
N ASN B 300 -4.09 -18.21 -1.10
CA ASN B 300 -4.36 -19.47 -1.78
C ASN B 300 -4.04 -20.63 -0.84
N VAL B 301 -5.02 -21.50 -0.63
CA VAL B 301 -4.83 -22.68 0.20
C VAL B 301 -4.29 -23.80 -0.69
N TRP B 302 -3.13 -24.34 -0.32
CA TRP B 302 -2.44 -25.33 -1.13
C TRP B 302 -2.56 -26.70 -0.48
N ASP B 303 -2.88 -27.71 -1.29
CA ASP B 303 -2.89 -29.10 -0.84
C ASP B 303 -1.43 -29.54 -0.71
N ALA B 304 -0.93 -29.58 0.52
CA ALA B 304 0.49 -29.81 0.75
C ALA B 304 0.95 -31.18 0.28
N LEU B 305 0.03 -32.11 0.03
CA LEU B 305 0.40 -33.43 -0.48
C LEU B 305 0.36 -33.48 -2.01
N LYS B 306 -0.80 -33.14 -2.60
CA LYS B 306 -0.94 -33.19 -4.05
C LYS B 306 -0.22 -32.05 -4.75
N ALA B 307 0.26 -31.04 -4.00
CA ALA B 307 0.94 -29.87 -4.54
C ALA B 307 0.05 -29.06 -5.48
N ASP B 308 -1.26 -29.24 -5.43
CA ASP B 308 -2.20 -28.55 -6.29
C ASP B 308 -3.04 -27.59 -5.46
N ARG B 309 -3.32 -26.42 -6.02
CA ARG B 309 -4.16 -25.45 -5.34
C ARG B 309 -5.54 -26.03 -5.09
N ALA B 310 -6.05 -25.83 -3.87
CA ALA B 310 -7.33 -26.42 -3.49
C ALA B 310 -8.25 -25.42 -2.78
N GLY B 311 -8.02 -24.12 -2.97
CA GLY B 311 -8.87 -23.12 -2.35
C GLY B 311 -8.32 -21.72 -2.44
N VAL B 312 -9.17 -20.72 -2.26
CA VAL B 312 -8.78 -19.32 -2.32
C VAL B 312 -9.45 -18.59 -1.17
N LEU B 313 -8.68 -17.77 -0.46
CA LEU B 313 -9.20 -16.92 0.62
C LEU B 313 -9.19 -15.49 0.10
N ALA B 314 -10.28 -15.11 -0.57
CA ALA B 314 -10.41 -13.78 -1.15
C ALA B 314 -11.41 -12.96 -0.34
N GLY B 315 -11.16 -11.66 -0.26
CA GLY B 315 -12.00 -10.79 0.54
C GLY B 315 -11.22 -9.66 1.17
N HIS B 316 -9.90 -9.69 1.05
CA HIS B 316 -9.04 -8.61 1.53
C HIS B 316 -8.82 -7.61 0.40
N ASP B 317 -8.99 -6.32 0.72
CA ASP B 317 -8.87 -5.29 -0.30
C ASP B 317 -7.41 -5.07 -0.70
N ASN B 318 -6.51 -5.09 0.27
CA ASN B 318 -5.11 -4.77 0.04
C ASN B 318 -4.24 -6.00 0.26
N ARG B 319 -2.92 -5.81 0.19
CA ARG B 319 -1.98 -6.90 0.32
C ARG B 319 -2.11 -7.58 1.68
N VAL B 320 -2.14 -8.91 1.67
CA VAL B 320 -2.17 -9.69 2.90
C VAL B 320 -0.76 -9.80 3.44
N SER B 321 -0.57 -9.32 4.68
CA SER B 321 0.76 -9.26 5.27
C SER B 321 1.02 -10.36 6.29
N CYS B 322 0.00 -10.83 6.99
CA CYS B 322 0.16 -11.84 8.02
C CYS B 322 -0.92 -12.89 7.90
N LEU B 323 -0.62 -14.10 8.34
CA LEU B 323 -1.54 -15.22 8.23
C LEU B 323 -1.16 -16.24 9.28
N GLY B 324 -2.08 -16.58 10.18
CA GLY B 324 -1.81 -17.52 11.24
C GLY B 324 -2.95 -18.49 11.43
N VAL B 325 -2.59 -19.69 11.88
CA VAL B 325 -3.56 -20.76 12.14
C VAL B 325 -3.48 -21.10 13.62
N THR B 326 -4.65 -21.26 14.24
CA THR B 326 -4.71 -21.56 15.66
C THR B 326 -4.08 -22.92 15.95
N ASP B 327 -3.63 -23.10 17.19
CA ASP B 327 -2.99 -24.34 17.57
C ASP B 327 -3.95 -25.53 17.46
N ASP B 328 -5.22 -25.32 17.81
CA ASP B 328 -6.22 -26.36 17.60
C ASP B 328 -6.70 -26.40 16.15
N GLY B 329 -6.25 -25.48 15.31
CA GLY B 329 -6.61 -25.49 13.90
C GLY B 329 -8.07 -25.25 13.62
N MET B 330 -8.74 -24.44 14.43
CA MET B 330 -10.15 -24.13 14.22
C MET B 330 -10.37 -22.84 13.47
N ALA B 331 -9.31 -22.12 13.10
CA ALA B 331 -9.47 -20.85 12.41
C ALA B 331 -8.17 -20.50 11.69
N VAL B 332 -8.30 -19.61 10.71
CA VAL B 332 -7.15 -19.03 10.01
C VAL B 332 -7.36 -17.53 9.91
N ALA B 333 -6.74 -16.78 10.81
CA ALA B 333 -6.92 -15.33 10.85
C ALA B 333 -5.89 -14.67 9.94
N THR B 334 -6.38 -13.99 8.90
CA THR B 334 -5.53 -13.25 7.98
C THR B 334 -5.60 -11.76 8.30
N GLY B 335 -4.48 -11.09 8.11
CA GLY B 335 -4.42 -9.66 8.32
C GLY B 335 -3.75 -8.95 7.17
N SER B 336 -4.48 -8.07 6.50
CA SER B 336 -4.01 -7.42 5.29
C SER B 336 -3.71 -5.96 5.56
N TRP B 337 -3.32 -5.26 4.50
CA TRP B 337 -2.96 -3.84 4.58
C TRP B 337 -4.18 -2.93 4.52
N ASP B 338 -5.38 -3.48 4.36
CA ASP B 338 -6.60 -2.69 4.34
C ASP B 338 -7.16 -2.45 5.75
N SER B 339 -6.32 -2.57 6.78
CA SER B 339 -6.64 -2.28 8.17
C SER B 339 -7.67 -3.23 8.77
N PHE B 340 -7.94 -4.37 8.12
CA PHE B 340 -8.92 -5.32 8.61
C PHE B 340 -8.25 -6.68 8.80
N LEU B 341 -8.57 -7.34 9.92
CA LEU B 341 -8.05 -8.66 10.24
C LEU B 341 -9.22 -9.63 10.24
N LYS B 342 -9.20 -10.58 9.32
CA LYS B 342 -10.33 -11.47 9.07
C LYS B 342 -10.01 -12.88 9.53
N ILE B 343 -10.93 -13.49 10.28
CA ILE B 343 -10.84 -14.90 10.66
C ILE B 343 -11.63 -15.73 9.67
N TRP B 344 -11.00 -16.79 9.15
CA TRP B 344 -11.62 -17.66 8.18
C TRP B 344 -11.74 -19.06 8.76
N ASN B 345 -12.81 -19.76 8.39
CA ASN B 345 -13.07 -21.11 8.88
C ASN B 345 -14.08 -21.82 8.01
N THR C 6 43.49 -11.34 6.92
CA THR C 6 43.05 -12.63 7.43
C THR C 6 41.53 -12.66 7.63
N ALA C 7 40.81 -11.99 6.74
CA ALA C 7 39.35 -11.92 6.79
C ALA C 7 38.71 -12.84 5.76
N SER C 8 39.14 -12.76 4.50
CA SER C 8 38.58 -13.64 3.47
C SER C 8 38.89 -15.10 3.78
N ILE C 9 40.11 -15.40 4.22
CA ILE C 9 40.47 -16.77 4.57
C ILE C 9 39.67 -17.22 5.79
N ALA C 10 39.43 -16.33 6.75
CA ALA C 10 38.61 -16.70 7.90
C ALA C 10 37.19 -17.03 7.48
N GLN C 11 36.61 -16.21 6.61
CA GLN C 11 35.26 -16.52 6.11
C GLN C 11 35.24 -17.84 5.35
N ALA C 12 36.26 -18.10 4.55
CA ALA C 12 36.30 -19.34 3.77
C ALA C 12 36.42 -20.55 4.68
N ARG C 13 37.27 -20.49 5.71
CA ARG C 13 37.42 -21.64 6.60
C ARG C 13 36.15 -21.84 7.44
N LYS C 14 35.50 -20.76 7.86
CA LYS C 14 34.22 -20.90 8.53
C LYS C 14 33.19 -21.56 7.62
N LEU C 15 33.17 -21.15 6.34
CA LEU C 15 32.23 -21.74 5.39
C LEU C 15 32.50 -23.22 5.18
N VAL C 16 33.77 -23.62 5.05
CA VAL C 16 34.08 -25.02 4.82
C VAL C 16 33.78 -25.84 6.07
N GLU C 17 34.01 -25.28 7.26
CA GLU C 17 33.65 -26.00 8.48
C GLU C 17 32.15 -26.20 8.58
N GLN C 18 31.37 -25.16 8.25
CA GLN C 18 29.92 -25.30 8.26
C GLN C 18 29.46 -26.31 7.21
N LEU C 19 30.09 -26.32 6.05
CA LEU C 19 29.75 -27.29 5.01
C LEU C 19 30.04 -28.71 5.48
N LYS C 20 31.17 -28.91 6.16
CA LYS C 20 31.47 -30.23 6.71
C LYS C 20 30.44 -30.64 7.76
N MET C 21 30.08 -29.72 8.65
CA MET C 21 29.10 -30.03 9.68
C MET C 21 27.73 -30.33 9.10
N GLU C 22 27.40 -29.72 7.96
CA GLU C 22 26.16 -30.03 7.28
C GLU C 22 26.25 -31.35 6.52
N ALA C 23 27.42 -31.70 5.98
CA ALA C 23 27.57 -32.91 5.19
C ALA C 23 27.58 -34.16 6.05
N ASN C 24 28.22 -34.11 7.23
CA ASN C 24 28.33 -35.31 8.04
C ASN C 24 27.03 -35.59 8.80
N ILE C 25 25.92 -35.76 8.07
CA ILE C 25 24.62 -36.04 8.66
C ILE C 25 24.05 -37.29 8.01
N ASP C 26 23.10 -37.91 8.71
CA ASP C 26 22.45 -39.13 8.23
C ASP C 26 21.21 -38.76 7.41
N ARG C 27 21.47 -38.44 6.13
CA ARG C 27 20.40 -38.07 5.22
C ARG C 27 19.54 -39.28 4.87
N ILE C 28 18.26 -39.23 5.22
CA ILE C 28 17.36 -40.35 4.94
C ILE C 28 16.89 -40.26 3.49
N LYS C 29 16.25 -41.32 3.01
CA LYS C 29 15.72 -41.33 1.65
C LYS C 29 14.53 -40.39 1.52
N VAL C 30 14.45 -39.69 0.39
CA VAL C 30 13.34 -38.79 0.12
C VAL C 30 12.02 -39.57 0.07
N SER C 31 12.05 -40.79 -0.45
CA SER C 31 10.86 -41.63 -0.42
C SER C 31 10.42 -41.91 1.01
N LYS C 32 11.38 -42.18 1.90
CA LYS C 32 11.03 -42.41 3.31
C LYS C 32 10.46 -41.16 3.96
N ALA C 33 11.05 -40.00 3.69
CA ALA C 33 10.52 -38.75 4.26
C ALA C 33 9.12 -38.46 3.75
N ALA C 34 8.90 -38.67 2.44
CA ALA C 34 7.58 -38.48 1.87
C ALA C 34 6.57 -39.44 2.47
N ALA C 35 6.99 -40.69 2.70
CA ALA C 35 6.11 -41.67 3.34
C ALA C 35 5.74 -41.24 4.74
N ASP C 36 6.72 -40.71 5.50
CA ASP C 36 6.42 -40.25 6.85
C ASP C 36 5.44 -39.09 6.84
N LEU C 37 5.64 -38.13 5.93
CA LEU C 37 4.72 -36.99 5.83
C LEU C 37 3.33 -37.45 5.45
N MET C 38 3.24 -38.36 4.48
CA MET C 38 1.94 -38.90 4.07
C MET C 38 1.26 -39.64 5.22
N ALA C 39 2.02 -40.43 5.97
CA ALA C 39 1.46 -41.17 7.09
C ALA C 39 0.92 -40.22 8.15
N TYR C 40 1.67 -39.17 8.47
CA TYR C 40 1.18 -38.20 9.45
C TYR C 40 -0.09 -37.50 8.96
N CYS C 41 -0.10 -37.08 7.69
CA CYS C 41 -1.28 -36.42 7.16
C CYS C 41 -2.49 -37.33 7.20
N GLU C 42 -2.31 -38.60 6.85
CA GLU C 42 -3.42 -39.56 6.92
C GLU C 42 -3.87 -39.78 8.36
N ALA C 43 -2.92 -39.89 9.29
CA ALA C 43 -3.25 -40.21 10.67
C ALA C 43 -4.04 -39.09 11.33
N HIS C 44 -3.63 -37.83 11.12
CA HIS C 44 -4.28 -36.70 11.75
C HIS C 44 -5.24 -35.97 10.82
N ALA C 45 -5.73 -36.65 9.78
CA ALA C 45 -6.66 -35.99 8.86
C ALA C 45 -8.02 -35.73 9.47
N LYS C 46 -8.34 -36.36 10.60
CA LYS C 46 -9.65 -36.19 11.22
C LYS C 46 -9.67 -35.11 12.29
N GLU C 47 -8.52 -34.71 12.82
CA GLU C 47 -8.44 -33.60 13.77
C GLU C 47 -8.22 -32.26 13.08
N ASP C 48 -8.60 -32.15 11.80
CA ASP C 48 -8.41 -30.92 11.04
C ASP C 48 -9.75 -30.29 10.73
N PRO C 49 -10.20 -29.28 11.49
CA PRO C 49 -11.46 -28.61 11.16
C PRO C 49 -11.47 -27.96 9.79
N LEU C 50 -10.32 -27.46 9.32
CA LEU C 50 -10.27 -26.85 8.00
C LEU C 50 -10.42 -27.90 6.91
N LEU C 51 -9.66 -29.00 6.99
CA LEU C 51 -9.76 -30.06 6.00
C LEU C 51 -11.13 -30.73 6.06
N THR C 52 -11.62 -31.01 7.27
CA THR C 52 -12.94 -31.60 7.46
C THR C 52 -13.84 -30.60 8.17
N PRO C 53 -14.78 -29.96 7.47
CA PRO C 53 -15.57 -28.89 8.10
C PRO C 53 -16.31 -29.37 9.34
N VAL C 54 -16.35 -28.49 10.33
CA VAL C 54 -16.96 -28.81 11.63
C VAL C 54 -18.37 -28.22 11.66
N PRO C 55 -19.33 -28.87 12.31
CA PRO C 55 -20.66 -28.28 12.44
C PRO C 55 -20.61 -26.96 13.21
N ALA C 56 -21.55 -26.07 12.88
CA ALA C 56 -21.60 -24.76 13.52
C ALA C 56 -21.85 -24.86 15.02
N SER C 57 -22.43 -25.96 15.50
CA SER C 57 -22.59 -26.15 16.93
C SER C 57 -21.24 -26.23 17.64
N GLU C 58 -20.29 -26.95 17.06
CA GLU C 58 -18.95 -27.06 17.61
C GLU C 58 -18.00 -25.99 17.09
N ASN C 59 -18.47 -25.12 16.21
CA ASN C 59 -17.65 -24.06 15.64
C ASN C 59 -17.74 -22.83 16.54
N PRO C 60 -16.66 -22.50 17.26
CA PRO C 60 -16.72 -21.33 18.16
C PRO C 60 -16.91 -20.01 17.43
N PHE C 61 -16.47 -19.96 16.17
CA PHE C 61 -16.56 -18.69 15.39
C PHE C 61 -17.86 -18.68 14.59
N ARG C 62 -19.00 -18.66 15.29
CA ARG C 62 -20.32 -18.60 14.61
C ARG C 62 -20.21 -17.69 13.38
N GLN D 2 22.67 -22.71 -4.08
CA GLN D 2 22.07 -23.30 -5.28
C GLN D 2 21.92 -22.25 -6.37
N VAL D 3 21.83 -20.99 -5.98
CA VAL D 3 21.73 -19.87 -6.91
C VAL D 3 23.14 -19.30 -7.04
N GLN D 4 23.87 -19.81 -8.02
CA GLN D 4 25.25 -19.41 -8.27
C GLN D 4 25.33 -18.72 -9.63
N LEU D 5 25.67 -17.43 -9.62
CA LEU D 5 25.83 -16.68 -10.87
C LEU D 5 27.33 -16.61 -11.21
N GLN D 6 27.89 -17.80 -11.45
CA GLN D 6 29.30 -17.90 -11.79
C GLN D 6 29.54 -17.31 -13.18
N GLU D 7 30.52 -16.42 -13.29
CA GLU D 7 30.85 -15.79 -14.56
C GLU D 7 32.26 -16.18 -14.98
N SER D 8 32.49 -16.15 -16.30
CA SER D 8 33.74 -16.54 -16.90
C SER D 8 34.35 -15.35 -17.64
N GLY D 9 35.42 -15.61 -18.37
CA GLY D 9 36.10 -14.57 -19.12
C GLY D 9 36.97 -13.69 -18.23
N GLY D 10 37.44 -12.60 -18.84
CA GLY D 10 38.27 -11.66 -18.12
C GLY D 10 39.75 -11.99 -18.20
N GLY D 11 40.50 -11.61 -17.17
CA GLY D 11 41.93 -11.86 -17.15
C GLY D 11 42.75 -10.60 -17.34
N LEU D 12 43.81 -10.69 -18.14
CA LEU D 12 44.69 -9.57 -18.42
C LEU D 12 44.70 -9.29 -19.92
N VAL D 13 44.45 -8.04 -20.29
CA VAL D 13 44.50 -7.61 -21.68
C VAL D 13 45.18 -6.26 -21.73
N GLN D 14 45.85 -5.98 -22.85
CA GLN D 14 46.53 -4.70 -23.03
C GLN D 14 45.50 -3.57 -23.12
N PRO D 15 45.89 -2.35 -22.74
CA PRO D 15 44.95 -1.23 -22.84
C PRO D 15 44.47 -1.02 -24.28
N GLY D 16 43.19 -0.71 -24.42
CA GLY D 16 42.58 -0.61 -25.72
C GLY D 16 42.19 -1.93 -26.34
N GLY D 17 42.39 -3.05 -25.64
CA GLY D 17 42.08 -4.36 -26.16
C GLY D 17 40.60 -4.66 -26.13
N SER D 18 40.27 -5.94 -25.98
CA SER D 18 38.87 -6.37 -25.98
C SER D 18 38.76 -7.68 -25.22
N LEU D 19 38.06 -7.64 -24.09
CA LEU D 19 37.71 -8.83 -23.32
C LEU D 19 36.19 -9.01 -23.35
N ARG D 20 35.74 -10.26 -23.43
CA ARG D 20 34.32 -10.56 -23.43
C ARG D 20 34.01 -11.43 -22.22
N LEU D 21 33.31 -10.84 -21.24
CA LEU D 21 32.92 -11.55 -20.04
C LEU D 21 31.63 -12.32 -20.30
N SER D 22 31.57 -13.55 -19.79
CA SER D 22 30.40 -14.39 -19.90
C SER D 22 29.98 -14.83 -18.50
N CYS D 23 28.67 -15.00 -18.32
CA CYS D 23 28.09 -15.32 -17.03
C CYS D 23 27.23 -16.57 -17.15
N ALA D 24 27.32 -17.45 -16.16
CA ALA D 24 26.51 -18.66 -16.11
C ALA D 24 25.54 -18.55 -14.95
N ALA D 25 24.24 -18.67 -15.26
CA ALA D 25 23.19 -18.55 -14.27
C ALA D 25 22.52 -19.91 -14.06
N SER D 26 22.38 -20.31 -12.80
CA SER D 26 21.80 -21.60 -12.47
C SER D 26 20.81 -21.44 -11.32
N GLY D 27 19.80 -22.29 -11.31
CA GLY D 27 18.85 -22.35 -10.21
C GLY D 27 17.68 -21.39 -10.28
N PHE D 28 17.55 -20.63 -11.36
CA PHE D 28 16.41 -19.71 -11.47
C PHE D 28 16.14 -19.45 -12.94
N THR D 29 14.93 -18.95 -13.21
CA THR D 29 14.51 -18.61 -14.57
C THR D 29 15.24 -17.36 -15.02
N PHE D 30 16.23 -17.52 -15.91
CA PHE D 30 17.07 -16.40 -16.33
C PHE D 30 16.27 -15.34 -17.07
N SER D 31 15.11 -15.68 -17.62
CA SER D 31 14.32 -14.73 -18.40
C SER D 31 13.42 -13.86 -17.53
N ASN D 32 13.46 -14.02 -16.20
CA ASN D 32 12.58 -13.27 -15.31
C ASN D 32 13.29 -12.15 -14.57
N TYR D 33 14.62 -12.19 -14.49
CA TYR D 33 15.39 -11.26 -13.67
C TYR D 33 16.18 -10.30 -14.53
N LYS D 34 16.15 -9.04 -14.15
CA LYS D 34 16.89 -7.98 -14.84
C LYS D 34 18.36 -8.09 -14.46
N MET D 35 19.21 -8.45 -15.42
CA MET D 35 20.59 -8.74 -15.12
C MET D 35 21.43 -7.46 -15.10
N ASN D 36 22.47 -7.47 -14.26
CA ASN D 36 23.34 -6.31 -14.07
C ASN D 36 24.80 -6.75 -14.10
N TRP D 37 25.66 -5.80 -14.43
CA TRP D 37 27.10 -5.97 -14.32
C TRP D 37 27.65 -4.87 -13.40
N VAL D 38 28.49 -5.27 -12.45
CA VAL D 38 29.05 -4.33 -11.47
C VAL D 38 30.54 -4.62 -11.34
N ARG D 39 31.33 -3.56 -11.20
CA ARG D 39 32.76 -3.68 -10.98
C ARG D 39 33.14 -3.08 -9.64
N GLN D 40 34.19 -3.63 -9.04
CA GLN D 40 34.75 -3.13 -7.79
C GLN D 40 36.21 -2.77 -8.02
N ALA D 41 36.49 -1.47 -8.10
CA ALA D 41 37.86 -1.01 -8.28
C ALA D 41 38.69 -1.34 -7.05
N PRO D 42 40.00 -1.52 -7.21
CA PRO D 42 40.85 -1.81 -6.04
C PRO D 42 40.76 -0.69 -5.00
N GLY D 43 40.34 -1.06 -3.80
CA GLY D 43 40.13 -0.10 -2.74
C GLY D 43 39.01 0.88 -3.00
N LYS D 44 37.91 0.40 -3.59
CA LYS D 44 36.78 1.26 -3.89
C LYS D 44 35.50 0.44 -3.78
N GLY D 45 34.38 1.15 -3.60
CA GLY D 45 33.10 0.48 -3.54
C GLY D 45 32.64 0.01 -4.91
N LEU D 46 31.64 -0.88 -4.90
CA LEU D 46 31.13 -1.44 -6.14
C LEU D 46 30.44 -0.37 -6.97
N GLU D 47 30.67 -0.39 -8.27
CA GLU D 47 30.12 0.57 -9.20
C GLU D 47 29.30 -0.15 -10.25
N TRP D 48 28.02 0.18 -10.33
CA TRP D 48 27.15 -0.40 -11.35
C TRP D 48 27.62 0.00 -12.75
N VAL D 49 27.69 -0.98 -13.63
CA VAL D 49 28.21 -0.78 -14.99
C VAL D 49 27.08 -0.70 -16.00
N SER D 50 26.31 -1.79 -16.15
CA SER D 50 25.30 -1.87 -17.18
C SER D 50 24.09 -2.60 -16.64
N ASP D 51 22.98 -2.49 -17.37
CA ASP D 51 21.72 -3.11 -16.99
C ASP D 51 20.93 -3.43 -18.24
N ILE D 52 20.47 -4.66 -18.35
CA ILE D 52 19.68 -5.12 -19.49
C ILE D 52 18.40 -5.75 -18.96
N SER D 53 17.28 -5.42 -19.58
CA SER D 53 16.00 -5.93 -19.10
C SER D 53 15.83 -7.39 -19.35
N GLN D 54 14.83 -7.97 -18.73
CA GLN D 54 14.62 -9.41 -18.84
C GLN D 54 14.38 -9.81 -20.29
N SER D 55 13.60 -9.02 -21.03
CA SER D 55 13.36 -9.27 -22.44
C SER D 55 14.46 -8.75 -23.34
N GLY D 56 15.36 -7.91 -22.81
CA GLY D 56 16.44 -7.34 -23.60
C GLY D 56 16.08 -6.09 -24.35
N ALA D 57 14.80 -5.68 -24.35
CA ALA D 57 14.42 -4.45 -25.06
C ALA D 57 15.02 -3.23 -24.40
N SER D 58 14.88 -3.11 -23.09
CA SER D 58 15.47 -2.00 -22.40
C SER D 58 16.95 -2.22 -22.24
N ILE D 59 17.69 -1.16 -21.94
CA ILE D 59 19.13 -1.26 -21.78
C ILE D 59 19.63 0.07 -21.23
N SER D 60 20.74 0.00 -20.49
CA SER D 60 21.34 1.20 -19.93
C SER D 60 22.79 0.92 -19.59
N TYR D 61 23.59 1.99 -19.52
CA TYR D 61 25.00 1.87 -19.21
C TYR D 61 25.42 3.05 -18.34
N THR D 62 26.51 2.84 -17.61
CA THR D 62 27.16 3.94 -16.90
C THR D 62 27.80 4.89 -17.89
N GLY D 63 27.83 6.17 -17.54
CA GLY D 63 28.38 7.17 -18.43
C GLY D 63 29.85 6.95 -18.74
N SER D 64 30.61 6.42 -17.78
CA SER D 64 32.03 6.20 -17.99
C SER D 64 32.31 5.12 -19.03
N VAL D 65 31.34 4.25 -19.31
CA VAL D 65 31.55 3.15 -20.25
C VAL D 65 30.50 3.21 -21.35
N LYS D 66 29.99 4.39 -21.65
CA LYS D 66 28.96 4.54 -22.67
C LYS D 66 29.60 4.42 -24.06
N GLY D 67 29.16 3.42 -24.81
CA GLY D 67 29.70 3.18 -26.15
C GLY D 67 30.92 2.29 -26.20
N ARG D 68 31.59 2.06 -25.08
CA ARG D 68 32.75 1.19 -25.03
C ARG D 68 32.44 -0.20 -24.50
N PHE D 69 31.33 -0.37 -23.77
CA PHE D 69 30.87 -1.67 -23.30
C PHE D 69 29.55 -1.98 -23.96
N THR D 70 29.34 -3.25 -24.31
CA THR D 70 28.08 -3.72 -24.85
C THR D 70 27.63 -4.93 -24.04
N ILE D 71 26.38 -4.90 -23.60
CA ILE D 71 25.82 -5.96 -22.76
C ILE D 71 24.83 -6.76 -23.61
N SER D 72 24.87 -8.08 -23.45
CA SER D 72 23.97 -8.96 -24.19
C SER D 72 23.64 -10.18 -23.32
N ARG D 73 22.38 -10.59 -23.36
CA ARG D 73 21.89 -11.74 -22.61
C ARG D 73 21.38 -12.80 -23.58
N ASP D 74 21.54 -14.07 -23.18
CA ASP D 74 21.04 -15.21 -23.94
C ASP D 74 20.06 -15.96 -23.05
N ASN D 75 18.76 -15.70 -23.23
CA ASN D 75 17.75 -16.31 -22.38
C ASN D 75 17.74 -17.83 -22.52
N ALA D 76 17.87 -18.33 -23.75
CA ALA D 76 17.88 -19.77 -23.97
C ALA D 76 19.10 -20.42 -23.31
N LYS D 77 20.28 -19.80 -23.46
CA LYS D 77 21.50 -20.36 -22.92
C LYS D 77 21.71 -20.00 -21.45
N ASN D 78 20.88 -19.14 -20.88
CA ASN D 78 21.04 -18.67 -19.50
C ASN D 78 22.42 -18.05 -19.28
N THR D 79 22.88 -17.28 -20.25
CA THR D 79 24.19 -16.64 -20.20
C THR D 79 24.04 -15.15 -20.43
N LEU D 80 24.83 -14.37 -19.69
CA LEU D 80 24.88 -12.92 -19.80
C LEU D 80 26.28 -12.49 -20.19
N TYR D 81 26.40 -11.61 -21.18
CA TYR D 81 27.68 -11.19 -21.71
C TYR D 81 27.85 -9.69 -21.58
N LEU D 82 29.11 -9.26 -21.47
CA LEU D 82 29.47 -7.84 -21.44
C LEU D 82 30.66 -7.64 -22.38
N GLN D 83 30.38 -7.13 -23.58
CA GLN D 83 31.40 -6.96 -24.62
C GLN D 83 32.25 -5.75 -24.28
N MET D 84 33.36 -5.99 -23.59
CA MET D 84 34.32 -4.95 -23.22
C MET D 84 35.31 -4.81 -24.37
N ASN D 85 35.22 -3.72 -25.13
CA ASN D 85 36.19 -3.41 -26.16
C ASN D 85 36.59 -1.95 -26.05
N SER D 86 37.79 -1.64 -26.55
CA SER D 86 38.40 -0.32 -26.39
C SER D 86 38.51 0.05 -24.91
N LEU D 87 39.16 -0.83 -24.15
CA LEU D 87 39.28 -0.67 -22.71
C LEU D 87 40.20 0.50 -22.38
N LYS D 88 40.16 0.90 -21.12
CA LYS D 88 40.94 2.00 -20.59
C LYS D 88 41.56 1.57 -19.27
N PRO D 89 42.62 2.24 -18.81
CA PRO D 89 43.26 1.81 -17.56
C PRO D 89 42.33 1.77 -16.36
N GLU D 90 41.32 2.64 -16.30
CA GLU D 90 40.41 2.65 -15.16
C GLU D 90 39.48 1.44 -15.14
N ASP D 91 39.44 0.65 -16.21
CA ASP D 91 38.57 -0.52 -16.26
C ASP D 91 39.05 -1.66 -15.37
N THR D 92 40.26 -1.56 -14.80
CA THR D 92 40.77 -2.62 -13.93
C THR D 92 39.93 -2.72 -12.66
N ALA D 93 39.12 -3.77 -12.58
CA ALA D 93 38.25 -3.97 -11.42
C ALA D 93 37.74 -5.40 -11.44
N VAL D 94 37.18 -5.82 -10.31
CA VAL D 94 36.58 -7.14 -10.20
C VAL D 94 35.12 -7.05 -10.63
N TYR D 95 34.77 -7.81 -11.66
CA TYR D 95 33.44 -7.74 -12.27
C TYR D 95 32.57 -8.87 -11.72
N TYR D 96 31.39 -8.52 -11.23
CA TYR D 96 30.45 -9.48 -10.66
C TYR D 96 29.19 -9.52 -11.52
N CYS D 97 28.71 -10.72 -11.80
CA CYS D 97 27.44 -10.92 -12.51
C CYS D 97 26.33 -10.98 -11.47
N ALA D 98 25.63 -9.87 -11.28
CA ALA D 98 24.61 -9.75 -10.27
C ALA D 98 23.24 -9.56 -10.90
N ARG D 99 22.24 -10.23 -10.33
CA ARG D 99 20.86 -10.12 -10.79
C ARG D 99 20.03 -9.37 -9.76
N CYS D 100 18.95 -8.76 -10.23
CA CYS D 100 18.08 -8.02 -9.35
C CYS D 100 17.25 -8.98 -8.49
N PRO D 101 16.96 -8.59 -7.25
CA PRO D 101 16.45 -9.58 -6.27
C PRO D 101 15.13 -10.25 -6.65
N ALA D 102 14.23 -9.53 -7.31
CA ALA D 102 12.90 -10.08 -7.52
C ALA D 102 12.58 -10.18 -9.00
N PRO D 103 11.89 -11.23 -9.42
CA PRO D 103 11.47 -11.34 -10.82
C PRO D 103 10.32 -10.41 -11.13
N PHE D 104 10.17 -10.08 -12.41
CA PHE D 104 9.07 -9.27 -12.91
C PHE D 104 9.05 -7.87 -12.29
N THR D 105 10.23 -7.37 -11.92
CA THR D 105 10.36 -6.06 -11.30
C THR D 105 11.32 -5.19 -12.10
N ARG D 106 10.97 -3.92 -12.26
CA ARG D 106 11.80 -2.96 -12.97
C ARG D 106 12.75 -2.22 -12.04
N ASP D 107 12.69 -2.47 -10.73
CA ASP D 107 13.57 -1.84 -9.75
C ASP D 107 14.63 -2.82 -9.32
N CYS D 108 15.80 -2.29 -8.94
CA CYS D 108 16.94 -3.08 -8.50
C CYS D 108 17.59 -2.35 -7.32
N PHE D 109 17.27 -2.79 -6.11
CA PHE D 109 17.64 -2.01 -4.93
C PHE D 109 19.04 -2.35 -4.45
N ASP D 110 19.34 -3.63 -4.26
CA ASP D 110 20.53 -4.05 -3.53
C ASP D 110 21.60 -4.65 -4.43
N VAL D 111 21.57 -4.35 -5.72
CA VAL D 111 22.54 -4.95 -6.65
C VAL D 111 23.96 -4.48 -6.31
N THR D 112 24.12 -3.21 -5.95
CA THR D 112 25.42 -2.64 -5.67
C THR D 112 25.82 -2.75 -4.20
N SER D 113 25.07 -3.51 -3.40
CA SER D 113 25.37 -3.63 -1.98
C SER D 113 26.72 -4.33 -1.77
N THR D 114 27.29 -4.09 -0.58
CA THR D 114 28.60 -4.66 -0.26
C THR D 114 28.56 -6.18 -0.19
N THR D 115 27.51 -6.74 0.41
CA THR D 115 27.40 -8.18 0.64
C THR D 115 26.10 -8.71 0.03
N TYR D 116 25.82 -8.30 -1.20
CA TYR D 116 24.62 -8.76 -1.90
C TYR D 116 24.66 -10.28 -2.08
N ALA D 117 23.48 -10.90 -1.95
CA ALA D 117 23.41 -12.35 -1.93
C ALA D 117 23.56 -12.96 -3.32
N TYR D 118 23.02 -12.31 -4.35
CA TYR D 118 22.97 -12.86 -5.71
C TYR D 118 24.01 -12.13 -6.56
N ARG D 119 25.23 -12.67 -6.56
CA ARG D 119 26.29 -12.16 -7.41
C ARG D 119 27.38 -13.22 -7.49
N GLY D 120 28.23 -13.09 -8.51
CA GLY D 120 29.33 -14.01 -8.68
C GLY D 120 30.51 -13.67 -7.80
N GLN D 121 31.49 -14.57 -7.79
CA GLN D 121 32.71 -14.33 -7.02
C GLN D 121 33.51 -13.18 -7.59
N GLY D 122 33.57 -13.05 -8.91
CA GLY D 122 34.25 -11.94 -9.53
C GLY D 122 35.47 -12.33 -10.35
N THR D 123 35.42 -12.10 -11.66
CA THR D 123 36.55 -12.35 -12.53
C THR D 123 37.41 -11.09 -12.62
N GLN D 124 38.66 -11.19 -12.20
CA GLN D 124 39.56 -10.05 -12.23
C GLN D 124 39.86 -9.65 -13.66
N VAL D 125 39.79 -8.34 -13.93
CA VAL D 125 40.15 -7.78 -15.22
C VAL D 125 41.22 -6.73 -14.99
N THR D 126 42.38 -6.91 -15.62
CA THR D 126 43.52 -6.03 -15.44
C THR D 126 44.00 -5.53 -16.79
N VAL D 127 44.29 -4.22 -16.86
CA VAL D 127 44.84 -3.61 -18.06
C VAL D 127 46.05 -2.77 -17.66
N SER D 128 47.14 -2.92 -18.41
CA SER D 128 48.36 -2.18 -18.12
C SER D 128 49.27 -2.12 -19.35
N VAL E 178 -52.40 8.65 -24.05
CA VAL E 178 -51.20 9.52 -23.92
C VAL E 178 -50.97 9.80 -22.43
N ARG E 179 -52.04 10.03 -21.67
CA ARG E 179 -51.91 10.27 -20.21
C ARG E 179 -51.28 9.04 -19.55
N ALA E 180 -51.75 7.84 -19.94
CA ALA E 180 -51.22 6.59 -19.36
C ALA E 180 -49.73 6.45 -19.70
N SER E 181 -49.36 6.81 -20.93
CA SER E 181 -47.93 6.73 -21.35
C SER E 181 -47.10 7.70 -20.51
N LEU E 182 -47.61 8.91 -20.29
CA LEU E 182 -46.88 9.91 -19.45
C LEU E 182 -46.73 9.33 -18.04
N TYR E 183 -47.76 8.65 -17.55
CA TYR E 183 -47.73 8.05 -16.19
C TYR E 183 -46.64 6.97 -16.14
N SER E 184 -46.63 6.04 -17.11
CA SER E 184 -45.56 5.05 -17.09
C SER E 184 -44.19 5.73 -17.02
N LEU E 185 -44.01 6.82 -17.77
CA LEU E 185 -42.73 7.53 -17.73
C LEU E 185 -42.45 8.08 -16.33
N MET E 186 -43.47 8.68 -15.71
CA MET E 186 -43.27 9.23 -14.38
C MET E 186 -43.03 8.14 -13.35
N VAL E 187 -43.68 6.98 -13.52
CA VAL E 187 -43.42 5.84 -12.66
C VAL E 187 -41.97 5.39 -12.80
N LEU E 188 -41.46 5.37 -14.04
CA LEU E 188 -40.06 5.05 -14.26
C LEU E 188 -39.16 6.05 -13.55
N ILE E 189 -39.51 7.35 -13.61
CA ILE E 189 -38.71 8.38 -12.96
C ILE E 189 -38.65 8.14 -11.45
N ILE E 190 -39.80 7.92 -10.82
CA ILE E 190 -39.80 7.75 -9.37
C ILE E 190 -39.12 6.45 -8.97
N LEU E 191 -39.29 5.40 -9.76
CA LEU E 191 -38.61 4.14 -9.48
C LEU E 191 -37.10 4.31 -9.56
N THR E 192 -36.61 5.02 -10.57
CA THR E 192 -35.18 5.29 -10.68
C THR E 192 -34.69 6.09 -9.48
N THR E 193 -35.46 7.10 -9.06
CA THR E 193 -35.11 7.86 -7.87
C THR E 193 -34.94 6.93 -6.67
N LEU E 194 -35.95 6.10 -6.42
CA LEU E 194 -35.93 5.24 -5.24
C LEU E 194 -34.77 4.26 -5.29
N VAL E 195 -34.58 3.61 -6.45
CA VAL E 195 -33.52 2.60 -6.56
C VAL E 195 -32.15 3.23 -6.35
N GLY E 196 -31.87 4.33 -7.06
CA GLY E 196 -30.55 4.93 -6.96
C GLY E 196 -30.25 5.44 -5.56
N ASN E 197 -31.20 6.19 -4.98
CA ASN E 197 -30.93 6.76 -3.67
C ASN E 197 -30.89 5.71 -2.58
N LEU E 198 -31.72 4.67 -2.66
CA LEU E 198 -31.66 3.58 -1.70
C LEU E 198 -30.33 2.85 -1.80
N ILE E 199 -29.86 2.61 -3.03
CA ILE E 199 -28.56 1.96 -3.20
C ILE E 199 -27.47 2.81 -2.56
N VAL E 200 -27.50 4.12 -2.79
CA VAL E 200 -26.46 4.99 -2.24
C VAL E 200 -26.48 4.96 -0.72
N ILE E 201 -27.67 5.11 -0.12
CA ILE E 201 -27.74 5.19 1.33
C ILE E 201 -27.33 3.86 1.96
N VAL E 202 -27.78 2.73 1.40
CA VAL E 202 -27.42 1.45 2.01
C VAL E 202 -25.94 1.18 1.85
N SER E 203 -25.35 1.55 0.71
CA SER E 203 -23.91 1.36 0.53
C SER E 203 -23.12 2.18 1.53
N ILE E 204 -23.48 3.45 1.68
CA ILE E 204 -22.74 4.32 2.61
C ILE E 204 -22.89 3.82 4.04
N SER E 205 -24.10 3.40 4.42
CA SER E 205 -24.32 2.96 5.80
C SER E 205 -23.81 1.55 6.06
N HIS E 206 -23.54 0.77 5.02
CA HIS E 206 -23.11 -0.62 5.18
C HIS E 206 -21.60 -0.78 5.11
N PHE E 207 -20.92 -0.09 4.20
CA PHE E 207 -19.46 -0.18 4.09
C PHE E 207 -18.82 0.82 5.05
N LYS E 208 -17.99 0.31 5.97
CA LYS E 208 -17.31 1.19 6.90
C LYS E 208 -16.19 1.97 6.22
N GLN E 209 -15.69 1.48 5.09
CA GLN E 209 -14.76 2.29 4.29
C GLN E 209 -15.46 3.48 3.67
N LEU E 210 -16.76 3.39 3.43
CA LEU E 210 -17.55 4.51 2.90
C LEU E 210 -18.18 5.29 4.06
N HIS E 211 -17.32 5.75 4.97
CA HIS E 211 -17.76 6.50 6.13
C HIS E 211 -17.01 7.82 6.28
N THR E 212 -16.46 8.34 5.19
CA THR E 212 -15.84 9.66 5.23
C THR E 212 -16.92 10.72 5.39
N PRO E 213 -16.54 11.90 5.89
CA PRO E 213 -17.53 12.98 6.02
C PRO E 213 -18.21 13.36 4.71
N THR E 214 -17.46 13.36 3.60
CA THR E 214 -18.07 13.62 2.31
C THR E 214 -19.06 12.52 1.95
N ASN E 215 -18.73 11.28 2.26
CA ASN E 215 -19.65 10.18 2.01
C ASN E 215 -20.92 10.33 2.85
N TRP E 216 -20.78 10.82 4.08
CA TRP E 216 -21.97 11.06 4.91
C TRP E 216 -22.82 12.18 4.32
N LEU E 217 -22.18 13.22 3.77
CA LEU E 217 -22.94 14.28 3.11
C LEU E 217 -23.69 13.74 1.90
N ILE E 218 -23.04 12.86 1.12
CA ILE E 218 -23.71 12.25 -0.03
C ILE E 218 -24.85 11.34 0.43
N HIS E 219 -24.66 10.65 1.56
CA HIS E 219 -25.71 9.82 2.12
C HIS E 219 -26.92 10.66 2.53
N SER E 220 -26.67 11.81 3.14
CA SER E 220 -27.77 12.72 3.49
C SER E 220 -28.47 13.24 2.24
N MET E 221 -27.70 13.51 1.19
CA MET E 221 -28.29 13.97 -0.08
C MET E 221 -29.21 12.88 -0.64
N ALA E 222 -28.73 11.63 -0.63
CA ALA E 222 -29.53 10.54 -1.17
C ALA E 222 -30.77 10.29 -0.32
N THR E 223 -30.65 10.47 1.00
CA THR E 223 -31.84 10.39 1.86
C THR E 223 -32.85 11.48 1.52
N VAL E 224 -32.37 12.70 1.26
CA VAL E 224 -33.26 13.78 0.87
C VAL E 224 -33.99 13.43 -0.42
N ASP E 225 -33.25 12.95 -1.40
CA ASP E 225 -33.86 12.60 -2.69
C ASP E 225 -34.83 11.44 -2.55
N PHE E 226 -34.49 10.46 -1.70
CA PHE E 226 -35.39 9.32 -1.48
C PHE E 226 -36.69 9.77 -0.83
N LEU E 227 -36.61 10.60 0.19
CA LEU E 227 -37.84 11.08 0.76
C LEU E 227 -38.59 11.85 -0.31
N LEU E 228 -37.94 12.76 -1.04
CA LEU E 228 -38.64 13.47 -2.10
C LEU E 228 -39.44 12.50 -2.96
N GLY E 229 -38.78 11.46 -3.45
CA GLY E 229 -39.41 10.52 -4.37
C GLY E 229 -40.42 9.60 -3.74
N CYS E 230 -40.42 9.49 -2.42
CA CYS E 230 -41.42 8.69 -1.73
C CYS E 230 -42.49 9.52 -1.03
N LEU E 231 -42.37 10.85 -1.02
CA LEU E 231 -43.35 11.69 -0.36
C LEU E 231 -44.06 12.65 -1.29
N VAL E 232 -43.37 13.33 -2.20
CA VAL E 232 -43.98 14.38 -3.01
C VAL E 232 -44.01 14.00 -4.49
N MET E 233 -43.05 13.21 -4.97
CA MET E 233 -43.13 12.74 -6.35
C MET E 233 -44.30 11.81 -6.62
N PRO E 234 -44.60 10.79 -5.81
CA PRO E 234 -45.70 9.88 -6.17
C PRO E 234 -47.06 10.53 -6.21
N TYR E 235 -47.25 11.67 -5.56
CA TYR E 235 -48.53 12.37 -5.60
C TYR E 235 -48.52 13.54 -6.58
N SER E 236 -47.38 14.18 -6.79
CA SER E 236 -47.25 15.11 -7.91
C SER E 236 -47.48 14.40 -9.23
N MET E 237 -47.11 13.11 -9.29
CA MET E 237 -47.42 12.31 -10.47
C MET E 237 -48.92 12.19 -10.69
N VAL E 238 -49.67 11.94 -9.61
CA VAL E 238 -51.12 11.83 -9.74
C VAL E 238 -51.73 13.17 -10.12
N ARG E 239 -51.25 14.24 -9.52
CA ARG E 239 -51.77 15.58 -9.92
C ARG E 239 -51.54 15.74 -11.42
N SER E 240 -50.29 15.61 -11.85
CA SER E 240 -49.98 15.84 -13.25
C SER E 240 -50.71 14.82 -14.14
N ALA E 241 -50.93 15.22 -15.39
CA ALA E 241 -51.63 14.46 -16.43
C ALA E 241 -53.12 14.31 -16.12
N GLU E 242 -53.59 14.81 -14.98
CA GLU E 242 -55.01 14.78 -14.65
C GLU E 242 -55.56 16.14 -14.26
N HIS E 243 -54.73 17.06 -13.78
CA HIS E 243 -55.11 18.44 -13.49
C HIS E 243 -56.28 18.51 -12.50
N CYS E 244 -56.25 17.63 -11.50
CA CYS E 244 -57.28 17.61 -10.47
C CYS E 244 -56.69 16.95 -9.23
N TRP E 245 -56.51 17.73 -8.17
CA TRP E 245 -55.91 17.21 -6.93
C TRP E 245 -56.98 16.46 -6.16
N TYR E 246 -56.84 15.14 -6.05
CA TYR E 246 -57.87 14.29 -5.49
C TYR E 246 -57.80 14.17 -3.97
N PHE E 247 -56.74 14.67 -3.34
CA PHE E 247 -56.42 14.28 -1.97
C PHE E 247 -56.79 15.31 -0.92
N GLY E 248 -57.46 16.41 -1.30
CA GLY E 248 -57.93 17.35 -0.31
C GLY E 248 -57.28 18.72 -0.36
N GLU E 249 -57.32 19.45 0.76
CA GLU E 249 -56.76 20.79 0.83
C GLU E 249 -55.61 20.89 1.83
N VAL E 250 -55.82 20.47 3.07
CA VAL E 250 -54.74 20.52 4.06
C VAL E 250 -53.62 19.56 3.65
N PHE E 251 -53.98 18.39 3.11
CA PHE E 251 -52.96 17.49 2.60
C PHE E 251 -52.24 18.11 1.40
N CYS E 252 -52.93 18.91 0.60
CA CYS E 252 -52.26 19.64 -0.48
C CYS E 252 -51.25 20.64 0.06
N LYS E 253 -51.62 21.36 1.13
CA LYS E 253 -50.68 22.28 1.74
C LYS E 253 -49.47 21.55 2.29
N ILE E 254 -49.70 20.39 2.93
CA ILE E 254 -48.59 19.58 3.43
C ILE E 254 -47.72 19.11 2.28
N HIS E 255 -48.35 18.71 1.17
CA HIS E 255 -47.60 18.25 0.00
C HIS E 255 -46.71 19.35 -0.56
N THR E 256 -47.25 20.56 -0.70
CA THR E 256 -46.44 21.68 -1.19
C THR E 256 -45.31 22.01 -0.23
N SER E 257 -45.61 22.02 1.07
CA SER E 257 -44.59 22.32 2.07
C SER E 257 -43.46 21.31 2.01
N THR E 258 -43.79 20.02 1.95
CA THR E 258 -42.77 18.98 1.91
C THR E 258 -42.00 19.02 0.61
N ASP E 259 -42.65 19.36 -0.51
CA ASP E 259 -41.94 19.47 -1.81
C ASP E 259 -40.89 20.56 -1.70
N ILE E 260 -41.30 21.74 -1.25
CA ILE E 260 -40.34 22.84 -1.17
C ILE E 260 -39.22 22.49 -0.20
N MET E 261 -39.52 21.90 0.94
CA MET E 261 -38.48 21.53 1.85
C MET E 261 -37.52 20.55 1.27
N LEU E 262 -38.01 19.46 0.71
CA LEU E 262 -37.07 18.44 0.27
C LEU E 262 -36.29 18.88 -0.98
N SER E 263 -36.91 19.62 -1.89
CA SER E 263 -36.16 20.11 -3.04
C SER E 263 -35.09 21.13 -2.62
N SER E 264 -35.46 22.05 -1.72
CA SER E 264 -34.46 22.99 -1.21
C SER E 264 -33.37 22.26 -0.44
N ALA E 265 -33.74 21.21 0.29
CA ALA E 265 -32.73 20.41 1.00
C ALA E 265 -31.78 19.74 0.04
N SER E 266 -32.30 19.20 -1.08
CA SER E 266 -31.44 18.58 -2.07
C SER E 266 -30.49 19.59 -2.69
N ILE E 267 -30.99 20.79 -3.02
CA ILE E 267 -30.13 21.81 -3.61
C ILE E 267 -29.08 22.29 -2.61
N PHE E 268 -29.48 22.42 -1.33
CA PHE E 268 -28.52 22.79 -0.29
C PHE E 268 -27.45 21.72 -0.14
N HIS E 269 -27.85 20.44 -0.22
CA HIS E 269 -26.87 19.36 -0.15
C HIS E 269 -25.92 19.41 -1.34
N LEU E 270 -26.43 19.72 -2.52
CA LEU E 270 -25.57 19.90 -3.69
C LEU E 270 -24.55 21.01 -3.43
N SER E 271 -25.01 22.14 -2.89
CA SER E 271 -24.11 23.25 -2.61
C SER E 271 -23.07 22.86 -1.58
N PHE E 272 -23.46 22.12 -0.54
CA PHE E 272 -22.52 21.75 0.50
C PHE E 272 -21.52 20.71 0.01
N ILE E 273 -21.93 19.80 -0.87
CA ILE E 273 -20.96 18.89 -1.48
C ILE E 273 -20.00 19.65 -2.38
N SER E 274 -20.50 20.67 -3.08
CA SER E 274 -19.61 21.51 -3.88
C SER E 274 -18.60 22.23 -3.00
N ILE E 275 -19.04 22.73 -1.83
CA ILE E 275 -18.13 23.39 -0.92
C ILE E 275 -17.11 22.40 -0.35
N ASP E 276 -17.55 21.17 -0.07
CA ASP E 276 -16.62 20.15 0.41
C ASP E 276 -15.55 19.86 -0.64
N ARG E 277 -15.96 19.72 -1.90
CA ARG E 277 -14.99 19.51 -2.97
C ARG E 277 -14.06 20.71 -3.10
N TYR E 278 -14.61 21.93 -2.98
CA TYR E 278 -13.78 23.13 -3.07
C TYR E 278 -12.72 23.13 -1.98
N TYR E 279 -13.09 22.78 -0.76
CA TYR E 279 -12.10 22.72 0.32
C TYR E 279 -11.08 21.61 0.08
N ALA E 280 -11.54 20.44 -0.38
CA ALA E 280 -10.63 19.34 -0.64
C ALA E 280 -9.65 19.62 -1.76
N VAL E 281 -9.99 20.50 -2.69
CA VAL E 281 -9.13 20.82 -3.83
C VAL E 281 -8.26 22.04 -3.56
N CYS E 282 -8.84 23.10 -3.01
CA CYS E 282 -8.12 24.35 -2.81
C CYS E 282 -7.48 24.45 -1.44
N ASP E 283 -7.63 23.43 -0.59
CA ASP E 283 -6.96 23.37 0.69
C ASP E 283 -6.72 21.90 1.02
N PRO E 284 -5.93 21.20 0.21
CA PRO E 284 -5.81 19.74 0.36
C PRO E 284 -5.19 19.31 1.67
N LEU E 285 -4.44 20.19 2.34
CA LEU E 285 -3.76 19.79 3.57
C LEU E 285 -4.70 19.84 4.77
N ARG E 286 -5.43 20.94 4.94
CA ARG E 286 -6.37 21.06 6.06
C ARG E 286 -7.77 20.60 5.68
N TYR E 287 -7.90 19.45 5.02
CA TYR E 287 -9.20 19.00 4.55
C TYR E 287 -9.90 18.17 5.62
N LYS E 288 -9.23 17.13 6.12
CA LYS E 288 -9.77 16.36 7.23
C LYS E 288 -9.86 17.17 8.51
N ALA E 289 -9.20 18.33 8.56
CA ALA E 289 -9.31 19.23 9.71
C ALA E 289 -10.46 20.21 9.54
N LYS E 290 -10.52 20.91 8.40
CA LYS E 290 -11.60 21.87 8.20
C LYS E 290 -12.94 21.16 8.03
N MET E 291 -13.00 20.15 7.17
CA MET E 291 -14.25 19.46 6.87
C MET E 291 -14.35 18.17 7.68
N ASN E 292 -14.47 18.36 8.99
CA ASN E 292 -14.60 17.24 9.90
C ASN E 292 -16.06 16.83 10.05
N ILE E 293 -16.28 15.75 10.80
CA ILE E 293 -17.62 15.20 10.95
C ILE E 293 -18.55 16.19 11.64
N LEU E 294 -18.01 17.04 12.53
CA LEU E 294 -18.84 18.04 13.17
C LEU E 294 -19.36 19.07 12.16
N VAL E 295 -18.49 19.54 11.27
CA VAL E 295 -18.91 20.50 10.25
C VAL E 295 -19.87 19.84 9.27
N ILE E 296 -19.63 18.57 8.94
CA ILE E 296 -20.54 17.87 8.03
C ILE E 296 -21.92 17.70 8.67
N CYS E 297 -21.97 17.38 9.96
CA CYS E 297 -23.26 17.27 10.64
C CYS E 297 -23.95 18.63 10.74
N VAL E 298 -23.17 19.70 10.96
CA VAL E 298 -23.77 21.04 10.94
C VAL E 298 -24.37 21.34 9.58
N MET E 299 -23.66 20.98 8.51
CA MET E 299 -24.16 21.21 7.16
C MET E 299 -25.44 20.41 6.91
N ILE E 300 -25.46 19.14 7.33
CA ILE E 300 -26.65 18.33 7.17
C ILE E 300 -27.82 18.92 7.94
N PHE E 301 -27.58 19.35 9.18
CA PHE E 301 -28.64 19.91 9.99
C PHE E 301 -29.19 21.19 9.38
N ILE E 302 -28.31 22.06 8.89
CA ILE E 302 -28.80 23.32 8.32
C ILE E 302 -29.55 23.07 7.03
N SER E 303 -29.03 22.17 6.17
CA SER E 303 -29.71 21.86 4.93
C SER E 303 -31.01 21.11 5.13
N TRP E 304 -31.21 20.56 6.34
CA TRP E 304 -32.51 19.91 6.64
C TRP E 304 -33.43 20.90 7.35
N SER E 305 -32.96 21.50 8.45
CA SER E 305 -33.82 22.42 9.25
C SER E 305 -34.20 23.67 8.45
N VAL E 306 -33.21 24.39 7.90
CA VAL E 306 -33.53 25.68 7.21
C VAL E 306 -34.58 25.44 6.12
N PRO E 307 -34.33 24.66 5.05
CA PRO E 307 -35.37 24.37 4.05
C PRO E 307 -36.73 24.05 4.70
N ALA E 308 -36.77 23.06 5.61
CA ALA E 308 -38.05 22.66 6.24
C ALA E 308 -38.75 23.88 6.81
N VAL E 309 -38.09 24.60 7.73
CA VAL E 309 -38.76 25.72 8.44
C VAL E 309 -39.23 26.79 7.45
N PHE E 310 -38.37 27.16 6.49
CA PHE E 310 -38.86 28.14 5.48
C PHE E 310 -40.08 27.57 4.77
N ALA E 311 -40.06 26.32 4.34
CA ALA E 311 -41.15 25.77 3.53
C ALA E 311 -42.45 25.69 4.29
N PHE E 312 -42.48 24.94 5.38
CA PHE E 312 -43.79 24.73 6.05
C PHE E 312 -44.25 26.08 6.59
N GLY E 313 -43.35 27.06 6.56
CA GLY E 313 -43.77 28.40 6.98
C GLY E 313 -44.47 29.12 5.86
N MET E 314 -43.75 29.34 4.77
CA MET E 314 -44.32 30.09 3.64
C MET E 314 -45.62 29.40 3.27
N ILE E 315 -45.85 28.21 3.79
CA ILE E 315 -47.09 27.61 3.35
C ILE E 315 -48.17 27.70 4.44
N PHE E 316 -47.80 27.44 5.69
CA PHE E 316 -48.79 27.35 6.76
C PHE E 316 -49.00 28.66 7.50
N LEU E 317 -48.28 29.73 7.13
CA LEU E 317 -48.58 31.07 7.65
C LEU E 317 -48.87 32.05 6.53
N GLU E 318 -48.94 31.56 5.28
CA GLU E 318 -49.45 32.33 4.15
C GLU E 318 -48.58 33.56 3.87
N LEU E 319 -47.26 33.40 4.00
CA LEU E 319 -46.33 34.49 3.70
C LEU E 319 -46.22 34.79 2.22
N ASN E 320 -46.60 33.80 1.41
CA ASN E 320 -46.55 33.96 -0.07
C ASN E 320 -47.82 34.67 -0.56
N PHE E 321 -48.90 34.69 0.22
CA PHE E 321 -50.14 35.31 -0.37
C PHE E 321 -50.27 36.77 0.02
N LYS E 322 -49.36 37.25 0.85
CA LYS E 322 -49.45 38.66 1.36
C LYS E 322 -49.39 39.64 0.20
N GLY E 323 -48.58 39.35 -0.82
CA GLY E 323 -48.40 40.31 -1.92
C GLY E 323 -49.70 40.60 -2.65
N ALA E 324 -50.46 39.56 -3.01
CA ALA E 324 -51.67 39.82 -3.83
C ALA E 324 -52.70 38.71 -3.65
N GLU E 325 -53.29 38.62 -2.46
CA GLU E 325 -54.37 37.63 -2.25
C GLU E 325 -55.47 37.94 -3.27
N GLU E 326 -55.53 39.18 -3.75
CA GLU E 326 -56.56 39.58 -4.73
C GLU E 326 -56.27 38.83 -6.03
N ILE E 327 -55.05 38.96 -6.53
CA ILE E 327 -54.66 38.14 -7.72
C ILE E 327 -54.88 36.69 -7.34
N TYR E 328 -54.60 36.33 -6.08
CA TYR E 328 -54.72 34.91 -5.66
C TYR E 328 -56.16 34.46 -5.85
N TYR E 329 -57.11 35.33 -5.48
CA TYR E 329 -58.55 35.00 -5.61
C TYR E 329 -58.82 34.59 -7.06
N LYS E 330 -58.45 35.46 -8.01
CA LYS E 330 -58.58 35.09 -9.43
C LYS E 330 -57.70 33.85 -9.64
N HIS E 331 -56.51 33.86 -9.06
CA HIS E 331 -55.57 32.75 -9.31
C HIS E 331 -56.17 31.46 -8.75
N VAL E 332 -56.62 31.47 -7.50
CA VAL E 332 -57.09 30.18 -6.93
C VAL E 332 -58.22 29.67 -7.84
N HIS E 333 -59.14 30.55 -8.18
CA HIS E 333 -60.29 30.14 -9.04
C HIS E 333 -59.74 29.67 -10.39
N CYS E 334 -58.92 30.50 -11.02
CA CYS E 334 -58.39 30.14 -12.36
C CYS E 334 -57.57 28.87 -12.21
N ARG E 335 -56.77 28.78 -11.14
CA ARG E 335 -56.02 27.52 -10.89
C ARG E 335 -57.03 26.38 -10.77
N GLY E 336 -58.25 26.68 -10.30
CA GLY E 336 -59.31 25.66 -10.23
C GLY E 336 -58.74 24.37 -9.65
N GLY E 337 -57.88 24.49 -8.64
CA GLY E 337 -57.23 23.30 -8.06
C GLY E 337 -56.34 23.65 -6.89
N CYS E 338 -55.06 23.30 -6.97
CA CYS E 338 -54.16 23.50 -5.80
C CYS E 338 -52.72 23.54 -6.29
N SER E 339 -52.41 24.55 -7.08
CA SER E 339 -51.01 24.72 -7.51
C SER E 339 -50.42 25.82 -6.64
N VAL E 340 -49.11 25.91 -6.57
CA VAL E 340 -48.51 26.88 -5.64
C VAL E 340 -48.82 28.25 -6.18
N PHE E 341 -48.67 29.23 -5.32
CA PHE E 341 -48.82 30.60 -5.80
C PHE E 341 -47.68 31.44 -5.26
N PHE E 342 -47.16 32.34 -6.09
CA PHE E 342 -46.10 33.28 -5.68
C PHE E 342 -46.47 34.66 -6.22
N SER E 343 -46.89 35.56 -5.34
CA SER E 343 -47.46 36.82 -5.77
C SER E 343 -46.51 37.75 -6.52
N LYS E 344 -45.51 38.29 -5.82
CA LYS E 344 -44.45 39.04 -6.49
C LYS E 344 -43.11 38.75 -5.83
N ILE E 345 -43.12 38.63 -4.50
CA ILE E 345 -41.87 38.61 -3.75
C ILE E 345 -41.51 37.19 -3.33
N SER E 346 -42.51 36.38 -2.96
CA SER E 346 -42.22 35.02 -2.54
C SER E 346 -41.56 34.23 -3.66
N GLY E 347 -42.01 34.43 -4.90
CA GLY E 347 -41.32 33.80 -6.02
C GLY E 347 -39.88 34.26 -6.15
N VAL E 348 -39.64 35.57 -5.96
CA VAL E 348 -38.28 36.08 -6.03
C VAL E 348 -37.47 35.62 -4.83
N LEU E 349 -38.06 35.62 -3.64
CA LEU E 349 -37.36 35.15 -2.45
C LEU E 349 -37.02 33.66 -2.56
N THR E 350 -38.01 32.86 -2.94
CA THR E 350 -37.76 31.40 -3.13
C THR E 350 -36.66 31.21 -4.17
N PHE E 351 -36.76 31.92 -5.30
CA PHE E 351 -35.75 31.81 -6.35
C PHE E 351 -34.37 32.17 -5.82
N MET E 352 -34.29 33.21 -4.99
CA MET E 352 -33.02 33.67 -4.45
C MET E 352 -32.64 32.99 -3.14
N THR E 353 -33.46 32.07 -2.65
CA THR E 353 -33.15 31.30 -1.44
C THR E 353 -32.89 29.83 -1.73
N SER E 354 -33.66 29.23 -2.64
CA SER E 354 -33.55 27.81 -2.92
C SER E 354 -32.72 27.49 -4.16
N PHE E 355 -32.63 28.40 -5.11
CA PHE E 355 -31.89 28.13 -6.34
C PHE E 355 -30.69 29.04 -6.54
N TYR E 356 -30.88 30.36 -6.49
CA TYR E 356 -29.80 31.26 -6.89
C TYR E 356 -28.64 31.21 -5.91
N ILE E 357 -28.90 31.46 -4.62
CA ILE E 357 -27.83 31.42 -3.63
C ILE E 357 -27.17 30.04 -3.55
N PRO E 358 -27.91 28.93 -3.48
CA PRO E 358 -27.24 27.63 -3.60
C PRO E 358 -26.59 27.41 -4.95
N GLY E 359 -27.19 27.94 -6.02
CA GLY E 359 -26.62 27.74 -7.35
C GLY E 359 -25.37 28.56 -7.58
N SER E 360 -25.36 29.82 -7.12
CA SER E 360 -24.19 30.67 -7.32
C SER E 360 -22.99 30.12 -6.56
N ILE E 361 -23.20 29.61 -5.35
CA ILE E 361 -22.12 28.97 -4.61
C ILE E 361 -21.63 27.74 -5.36
N MET E 362 -22.52 26.92 -5.91
CA MET E 362 -22.13 25.72 -6.69
C MET E 362 -21.48 26.07 -8.01
N LEU E 363 -21.62 27.31 -8.50
CA LEU E 363 -20.94 27.73 -9.71
C LEU E 363 -19.67 28.51 -9.43
N CYS E 364 -19.59 29.19 -8.30
CA CYS E 364 -18.38 29.90 -7.92
C CYS E 364 -17.33 29.00 -7.31
N VAL E 365 -17.64 27.72 -7.10
CA VAL E 365 -16.65 26.76 -6.63
C VAL E 365 -16.39 25.65 -7.64
N TYR E 366 -17.33 25.36 -8.54
CA TYR E 366 -17.11 24.40 -9.61
C TYR E 366 -16.50 25.03 -10.85
N TYR E 367 -16.30 26.35 -10.85
CA TYR E 367 -15.51 27.02 -11.87
C TYR E 367 -14.12 27.39 -11.37
N ARG E 368 -14.01 27.78 -10.11
CA ARG E 368 -12.66 28.04 -9.54
C ARG E 368 -11.90 26.71 -9.54
N ILE E 369 -12.57 25.62 -9.15
CA ILE E 369 -11.94 24.31 -9.19
C ILE E 369 -11.51 23.98 -10.62
N TYR E 370 -12.36 24.28 -11.59
CA TYR E 370 -12.04 23.95 -12.98
C TYR E 370 -10.77 24.64 -13.44
N LEU E 371 -10.53 25.87 -13.00
CA LEU E 371 -9.29 26.56 -13.33
C LEU E 371 -8.09 25.83 -12.75
N ILE E 372 -8.20 25.38 -11.50
CA ILE E 372 -7.09 24.66 -10.88
C ILE E 372 -6.91 23.28 -11.49
N ALA E 373 -8.01 22.55 -11.70
CA ALA E 373 -7.91 21.24 -12.33
C ALA E 373 -7.45 21.32 -13.77
N LYS E 374 -7.67 22.46 -14.43
CA LYS E 374 -7.11 22.66 -15.77
C LYS E 374 -5.61 22.94 -15.70
N GLU E 375 -5.19 23.74 -14.73
CA GLU E 375 -3.77 24.04 -14.58
C GLU E 375 -2.97 22.79 -14.26
N GLN E 376 -3.48 21.95 -13.36
CA GLN E 376 -2.78 20.70 -13.04
C GLN E 376 -2.69 19.80 -14.26
N ALA E 377 -3.77 19.67 -15.01
CA ALA E 377 -3.75 18.85 -16.22
C ALA E 377 -2.86 19.45 -17.30
N ARG E 378 -2.56 20.74 -17.24
CA ARG E 378 -1.67 21.38 -18.19
C ARG E 378 -0.21 21.21 -17.79
N LEU E 379 0.11 21.44 -16.50
CA LEU E 379 1.48 21.28 -16.04
C LEU E 379 1.93 19.83 -16.16
N ILE E 380 1.05 18.88 -15.82
CA ILE E 380 1.39 17.47 -15.95
C ILE E 380 1.62 17.11 -17.41
N SER E 381 0.74 17.59 -18.30
CA SER E 381 0.90 17.30 -19.72
C SER E 381 2.15 17.96 -20.30
N ASP E 382 2.41 19.21 -19.90
CA ASP E 382 3.56 19.92 -20.45
C ASP E 382 4.88 19.36 -19.92
N ALA E 383 4.90 18.94 -18.65
CA ALA E 383 6.13 18.38 -18.09
C ALA E 383 6.51 17.07 -18.79
N ASN E 384 5.52 16.24 -19.12
CA ASN E 384 5.81 14.99 -19.80
C ASN E 384 6.42 15.23 -21.17
N GLN E 385 5.90 16.20 -21.92
CA GLN E 385 6.44 16.50 -23.24
C GLN E 385 7.87 17.00 -23.15
N LYS E 386 8.16 17.85 -22.18
CA LYS E 386 9.50 18.40 -21.99
C LYS E 386 10.50 17.30 -21.62
N ARG E 403 -8.70 15.86 -21.72
CA ARG E 403 -9.13 16.64 -20.57
C ARG E 403 -10.36 16.02 -19.91
N LYS E 404 -10.25 15.76 -18.60
CA LYS E 404 -11.29 15.11 -17.82
C LYS E 404 -12.00 16.04 -16.85
N ALA E 405 -11.32 17.09 -16.38
CA ALA E 405 -11.96 18.07 -15.52
C ALA E 405 -13.12 18.74 -16.24
N VAL E 406 -12.93 19.04 -17.53
CA VAL E 406 -14.00 19.64 -18.32
C VAL E 406 -15.22 18.73 -18.31
N LYS E 407 -15.02 17.44 -18.60
CA LYS E 407 -16.14 16.51 -18.66
C LYS E 407 -16.84 16.37 -17.31
N THR E 408 -16.07 16.17 -16.23
CA THR E 408 -16.69 15.91 -14.94
C THR E 408 -17.42 17.14 -14.41
N LEU E 409 -16.79 18.32 -14.47
CA LEU E 409 -17.47 19.51 -13.97
C LEU E 409 -18.61 19.91 -14.89
N GLY E 410 -18.49 19.63 -16.19
CA GLY E 410 -19.60 19.89 -17.09
C GLY E 410 -20.82 19.05 -16.76
N ILE E 411 -20.62 17.76 -16.53
CA ILE E 411 -21.77 16.92 -16.18
C ILE E 411 -22.33 17.34 -14.83
N VAL E 412 -21.47 17.62 -13.85
CA VAL E 412 -21.94 17.94 -12.50
C VAL E 412 -22.72 19.24 -12.50
N MET E 413 -22.20 20.27 -13.15
CA MET E 413 -22.83 21.59 -13.16
C MET E 413 -23.83 21.74 -14.30
N GLY E 414 -24.02 20.71 -15.12
CA GLY E 414 -24.99 20.77 -16.19
C GLY E 414 -26.24 19.99 -15.90
N VAL E 415 -26.12 18.84 -15.21
CA VAL E 415 -27.31 18.11 -14.82
C VAL E 415 -28.17 18.99 -13.91
N PHE E 416 -27.55 19.60 -12.91
CA PHE E 416 -28.27 20.49 -11.99
C PHE E 416 -28.92 21.64 -12.74
N LEU E 417 -28.18 22.28 -13.64
CA LEU E 417 -28.71 23.45 -14.34
C LEU E 417 -29.87 23.05 -15.25
N ILE E 418 -29.68 22.05 -16.10
CA ILE E 418 -30.74 21.65 -17.03
C ILE E 418 -31.97 21.21 -16.25
N CYS E 419 -31.78 20.56 -15.10
CA CYS E 419 -32.92 20.06 -14.36
C CYS E 419 -33.66 21.14 -13.59
N TRP E 420 -32.97 22.17 -13.10
CA TRP E 420 -33.63 23.16 -12.25
C TRP E 420 -33.84 24.52 -12.89
N CYS E 421 -32.84 25.09 -13.56
CA CYS E 421 -32.93 26.50 -13.93
C CYS E 421 -34.15 26.85 -14.76
N PRO E 422 -34.63 26.04 -15.73
CA PRO E 422 -35.87 26.42 -16.43
C PRO E 422 -37.04 26.63 -15.50
N PHE E 423 -37.25 25.69 -14.57
CA PHE E 423 -38.37 25.83 -13.65
C PHE E 423 -38.23 27.09 -12.80
N PHE E 424 -37.03 27.37 -12.31
CA PHE E 424 -36.87 28.50 -11.40
C PHE E 424 -36.97 29.83 -12.13
N ILE E 425 -36.44 29.92 -13.36
CA ILE E 425 -36.59 31.18 -14.09
C ILE E 425 -38.05 31.41 -14.44
N CYS E 426 -38.76 30.36 -14.86
CA CYS E 426 -40.18 30.52 -15.17
C CYS E 426 -40.98 30.89 -13.92
N THR E 427 -40.62 30.30 -12.78
CA THR E 427 -41.35 30.59 -11.54
C THR E 427 -41.08 32.01 -11.06
N VAL E 428 -39.84 32.48 -11.16
CA VAL E 428 -39.55 33.84 -10.73
C VAL E 428 -40.14 34.85 -11.72
N MET E 429 -40.24 34.49 -13.01
CA MET E 429 -40.93 35.35 -13.95
C MET E 429 -42.44 35.18 -13.91
N ASP E 430 -42.93 34.14 -13.24
CA ASP E 430 -44.37 33.92 -13.14
C ASP E 430 -45.13 35.09 -12.50
N PRO E 431 -44.64 35.73 -11.43
CA PRO E 431 -45.32 36.94 -10.96
C PRO E 431 -45.47 38.00 -12.03
N PHE E 432 -44.45 38.17 -12.87
CA PHE E 432 -44.56 39.05 -14.02
C PHE E 432 -45.24 38.31 -15.16
N LEU E 433 -45.42 39.00 -16.30
CA LEU E 433 -46.08 38.44 -17.46
C LEU E 433 -47.53 38.11 -17.17
N HIS E 434 -48.00 38.48 -15.97
CA HIS E 434 -49.38 38.26 -15.54
C HIS E 434 -49.78 36.78 -15.63
N TYR E 435 -48.85 35.91 -15.22
CA TYR E 435 -49.07 34.47 -15.11
C TYR E 435 -49.54 33.87 -16.44
N ILE E 436 -48.64 33.95 -17.42
CA ILE E 436 -48.94 33.47 -18.77
C ILE E 436 -48.51 32.03 -19.00
N ILE E 437 -47.82 31.41 -18.05
CA ILE E 437 -47.29 30.06 -18.26
C ILE E 437 -48.44 29.06 -18.27
N PRO E 438 -48.41 28.04 -19.13
CA PRO E 438 -49.43 27.00 -19.06
C PRO E 438 -49.17 26.06 -17.90
N PRO E 439 -50.23 25.47 -17.33
CA PRO E 439 -50.01 24.50 -16.24
C PRO E 439 -49.20 23.28 -16.65
N THR E 440 -49.35 22.81 -17.89
CA THR E 440 -48.62 21.62 -18.32
C THR E 440 -47.13 21.90 -18.42
N LEU E 441 -46.75 23.10 -18.86
CA LEU E 441 -45.34 23.47 -18.87
C LEU E 441 -44.79 23.50 -17.44
N ASN E 442 -45.59 24.01 -16.49
CA ASN E 442 -45.18 24.00 -15.10
C ASN E 442 -44.97 22.57 -14.60
N ASP E 443 -45.85 21.65 -15.00
CA ASP E 443 -45.68 20.25 -14.62
C ASP E 443 -44.38 19.68 -15.19
N VAL E 444 -44.09 19.99 -16.45
CA VAL E 444 -42.85 19.51 -17.06
C VAL E 444 -41.64 20.07 -16.31
N LEU E 445 -41.70 21.34 -15.92
CA LEU E 445 -40.56 21.95 -15.23
C LEU E 445 -40.36 21.36 -13.84
N ILE E 446 -41.44 21.16 -13.09
CA ILE E 446 -41.28 20.53 -11.77
C ILE E 446 -40.79 19.10 -11.93
N TRP E 447 -41.17 18.43 -13.03
CA TRP E 447 -40.65 17.09 -13.23
C TRP E 447 -39.17 17.10 -13.60
N PHE E 448 -38.71 18.14 -14.30
CA PHE E 448 -37.27 18.29 -14.50
C PHE E 448 -36.56 18.50 -13.16
N GLY E 449 -37.17 19.30 -12.28
CA GLY E 449 -36.63 19.41 -10.94
C GLY E 449 -36.53 18.08 -10.23
N TYR E 450 -37.53 17.22 -10.43
CA TYR E 450 -37.46 15.86 -9.88
C TYR E 450 -36.35 15.05 -10.56
N LEU E 451 -36.15 15.25 -11.86
CA LEU E 451 -35.06 14.57 -12.55
C LEU E 451 -33.70 14.95 -11.97
N ASN E 452 -33.58 16.15 -11.41
CA ASN E 452 -32.32 16.45 -10.70
C ASN E 452 -32.09 15.46 -9.58
N SER E 453 -33.12 15.17 -8.78
CA SER E 453 -32.95 14.22 -7.70
C SER E 453 -32.79 12.80 -8.21
N THR E 454 -33.33 12.51 -9.41
CA THR E 454 -33.07 11.21 -10.01
C THR E 454 -31.59 11.06 -10.33
N PHE E 455 -31.00 12.10 -10.92
CA PHE E 455 -29.63 12.04 -11.42
C PHE E 455 -28.58 12.38 -10.37
N ASN E 456 -28.99 12.88 -9.20
CA ASN E 456 -28.01 13.19 -8.16
C ASN E 456 -27.19 11.99 -7.72
N PRO E 457 -27.78 10.82 -7.42
CA PRO E 457 -26.93 9.67 -7.08
C PRO E 457 -26.00 9.27 -8.21
N MET E 458 -26.51 9.20 -9.44
CA MET E 458 -25.68 8.77 -10.56
C MET E 458 -24.59 9.78 -10.90
N VAL E 459 -24.64 10.98 -10.33
CA VAL E 459 -23.62 11.99 -10.59
C VAL E 459 -22.63 12.04 -9.45
N TYR E 460 -23.10 11.81 -8.22
CA TYR E 460 -22.26 12.02 -7.04
C TYR E 460 -21.69 10.73 -6.45
N ALA E 461 -22.30 9.58 -6.69
CA ALA E 461 -21.78 8.31 -6.20
C ALA E 461 -21.42 7.34 -7.31
N PHE E 462 -22.37 7.03 -8.20
CA PHE E 462 -22.10 6.05 -9.25
C PHE E 462 -21.00 6.52 -10.19
N PHE E 463 -20.82 7.83 -10.32
CA PHE E 463 -19.84 8.36 -11.26
C PHE E 463 -18.41 8.16 -10.77
N TYR E 464 -18.20 7.96 -9.46
CA TYR E 464 -16.81 7.87 -9.04
C TYR E 464 -16.40 6.42 -8.85
N PRO E 465 -15.15 6.09 -9.19
CA PRO E 465 -14.72 4.68 -9.16
C PRO E 465 -14.80 4.03 -7.80
N TRP E 466 -14.53 4.76 -6.71
CA TRP E 466 -14.53 4.13 -5.40
C TRP E 466 -15.91 3.62 -5.01
N PHE E 467 -16.95 4.39 -5.30
CA PHE E 467 -18.30 3.93 -4.98
C PHE E 467 -18.73 2.79 -5.88
N ARG E 468 -18.29 2.79 -7.14
CA ARG E 468 -18.58 1.66 -8.02
C ARG E 468 -17.91 0.40 -7.51
N LYS E 469 -16.67 0.52 -7.01
CA LYS E 469 -15.98 -0.62 -6.42
C LYS E 469 -16.72 -1.11 -5.18
N ALA E 470 -17.21 -0.18 -4.35
CA ALA E 470 -18.00 -0.57 -3.18
C ALA E 470 -19.28 -1.30 -3.60
N LEU E 471 -19.94 -0.83 -4.66
CA LEU E 471 -21.13 -1.51 -5.16
C LEU E 471 -20.80 -2.90 -5.66
N LYS E 472 -19.66 -3.04 -6.35
CA LYS E 472 -19.23 -4.35 -6.82
C LYS E 472 -18.95 -5.29 -5.65
N MET E 473 -18.35 -4.76 -4.58
CA MET E 473 -18.12 -5.57 -3.39
C MET E 473 -19.44 -5.98 -2.73
N MET E 474 -20.43 -5.09 -2.73
CA MET E 474 -21.77 -5.47 -2.29
C MET E 474 -22.33 -6.59 -3.16
N1 7LD F . -37.12 25.20 -4.10
N3 7LD F . -45.93 22.65 -7.35
C4 7LD F . -38.99 27.22 -3.87
C5 7LD F . -40.47 27.48 -4.22
C6 7LD F . -40.71 25.10 -5.23
C7 7LD F . -38.57 23.74 -5.11
C8 7LD F . -37.19 23.90 -4.64
C10 7LD F . -42.96 23.83 -5.83
C13 7LD F . -42.43 21.93 -7.44
C15 7LD F . -39.30 22.57 -5.80
C17 7LD F . -46.09 21.48 -6.51
C20 7LD F . -46.93 22.55 -9.57
N2 7LD F . -41.34 21.68 -6.87
C12 7LD F . -40.62 20.99 -7.61
C11 7LD F . -40.60 23.00 -6.56
C3 7LD F . -39.23 24.89 -4.86
C1 7LD F . -38.40 25.83 -4.24
C2 7LD F . -41.35 26.44 -4.89
C9 7LD F . -41.46 23.95 -5.89
C14 7LD F . -43.50 22.78 -6.45
C16 7LD F . -44.65 23.33 -7.35
O1 7LD F . -44.47 24.29 -8.02
C19 7LD F . -47.03 23.12 -8.17
C18 7LD F . -47.08 21.80 -5.41
#